data_9GQV
#
_entry.id   9GQV
#
_cell.length_a   100.679
_cell.length_b   103.811
_cell.length_c   143.318
_cell.angle_alpha   90
_cell.angle_beta   90
_cell.angle_gamma   90
#
_symmetry.space_group_name_H-M   'C 2 2 21'
#
loop_
_entity.id
_entity.type
_entity.pdbx_description
1 polymer '3-oxoacyl-[acyl-carrier-protein] synthase 2'
2 non-polymer ~{N}-[[1-[[[(2~{S})-4-methyl-2-oxidanyl-pentanoyl]amino]methyl]cyclobutyl]methyl]-1~{H}-pyrazole-3-carboxamide
3 non-polymer 'FORMIC ACID'
4 non-polymer 'DIMETHYL SULFOXIDE'
5 non-polymer 'CHLORIDE ION'
6 water water
#
_entity_poly.entity_id   1
_entity_poly.type   'polypeptide(L)'
_entity_poly.pdbx_seq_one_letter_code
;GHMASMSRRRVVITGMGMLSPLGLDVPSSWEGILAGRSGIAPIEHMDLSAYSTRFGGSVKGFNVEEYLSAKEARKLDLFI
QYGLAASFQAVRDSGLEVTDANRERIGVSMGSGIGGLTNIENNCRSLFEQGPRRISPFFVPGSIINMVSGFLSIHLGLQG
PNYALTTAATTGTHSIGMAARNIAYGEADVMVAGGSEMAACGLGLGGFGAARALSTRNDEPTRASRPWDRDRDGFVLSDG
SGALVLEELEHARARGARIYAELVGFGMSGDAFHMTAPPEDGAGAARCMKNALRDAGLDPRQVDYINAHGTSTPAGDIAE
IAAVKSVFGEHAHALSMSSTKSMTGHLLGAAGAVEAIFSVLALRDQVAPPTINLDNPDEGCDLDLVAHEAKPRKIDVALS
NSFGFGGTNGTLVFRRFAD
;
_entity_poly.pdbx_strand_id   A,B
#
# COMPACT_ATOMS: atom_id res chain seq x y z
N ARG A 9 -25.41 24.83 -14.62
CA ARG A 9 -24.66 23.53 -14.67
C ARG A 9 -24.22 23.11 -13.25
N ARG A 10 -24.52 21.86 -12.92
CA ARG A 10 -24.34 21.32 -11.58
C ARG A 10 -22.96 20.68 -11.50
N VAL A 11 -22.37 20.76 -10.30
CA VAL A 11 -21.00 20.33 -10.05
C VAL A 11 -21.00 19.34 -8.89
N VAL A 12 -20.40 18.17 -9.12
CA VAL A 12 -20.33 17.13 -8.13
C VAL A 12 -18.86 16.78 -7.90
N ILE A 13 -18.64 16.15 -6.74
CA ILE A 13 -17.34 15.65 -6.33
C ILE A 13 -17.29 14.16 -6.64
N THR A 14 -16.35 13.74 -7.50
CA THR A 14 -16.24 12.37 -7.96
C THR A 14 -14.93 11.72 -7.53
N GLY A 15 -14.00 12.44 -6.92
CA GLY A 15 -12.72 11.88 -6.56
C GLY A 15 -12.06 12.78 -5.53
N MET A 16 -11.33 12.19 -4.57
CA MET A 16 -10.65 12.97 -3.54
C MET A 16 -9.29 12.35 -3.26
N GLY A 17 -8.35 13.19 -2.81
CA GLY A 17 -7.00 12.79 -2.49
C GLY A 17 -6.40 13.70 -1.42
N MET A 18 -5.42 13.16 -0.65
CA MET A 18 -4.95 13.88 0.54
C MET A 18 -3.62 13.33 1.04
N LEU A 19 -2.77 14.26 1.49
CA LEU A 19 -1.73 14.02 2.49
C LEU A 19 -2.02 14.95 3.66
N SER A 20 -1.99 14.42 4.89
CA SER A 20 -2.18 15.25 6.07
C SER A 20 -1.27 14.77 7.19
N PRO A 21 -1.17 15.52 8.32
CA PRO A 21 -0.52 14.98 9.52
C PRO A 21 -1.17 13.76 10.16
N LEU A 22 -2.38 13.38 9.72
CA LEU A 22 -3.09 12.20 10.16
C LEU A 22 -2.94 10.98 9.23
N GLY A 23 -2.37 11.12 8.02
CA GLY A 23 -2.39 10.01 7.10
C GLY A 23 -1.92 10.39 5.70
N LEU A 24 -1.51 9.35 4.95
CA LEU A 24 -1.00 9.48 3.60
C LEU A 24 -2.09 9.28 2.52
N ASP A 25 -3.34 9.24 2.92
CA ASP A 25 -4.47 9.22 2.00
C ASP A 25 -5.71 9.73 2.73
N VAL A 26 -6.84 9.75 2.04
CA VAL A 26 -8.09 10.17 2.62
C VAL A 26 -8.58 9.18 3.69
N PRO A 27 -8.76 7.85 3.43
N PRO A 27 -8.76 7.85 3.43
CA PRO A 27 -9.28 6.94 4.46
CA PRO A 27 -9.28 6.94 4.46
C PRO A 27 -8.54 6.94 5.80
C PRO A 27 -8.54 6.94 5.80
N SER A 28 -7.20 6.93 5.75
CA SER A 28 -6.35 7.00 6.94
C SER A 28 -6.50 8.32 7.68
N SER A 29 -6.52 9.45 6.94
CA SER A 29 -6.75 10.74 7.57
C SER A 29 -8.12 10.81 8.27
N TRP A 30 -9.19 10.35 7.58
CA TRP A 30 -10.53 10.45 8.10
C TRP A 30 -10.72 9.54 9.34
N GLU A 31 -10.04 8.37 9.36
CA GLU A 31 -10.05 7.48 10.51
C GLU A 31 -9.45 8.23 11.72
N GLY A 32 -8.31 8.91 11.52
CA GLY A 32 -7.74 9.75 12.56
C GLY A 32 -8.69 10.86 13.05
N ILE A 33 -9.33 11.55 12.11
CA ILE A 33 -10.28 12.60 12.41
C ILE A 33 -11.39 12.06 13.34
N LEU A 34 -12.06 10.98 12.93
CA LEU A 34 -13.18 10.40 13.68
C LEU A 34 -12.76 9.85 15.04
N ALA A 35 -11.47 9.48 15.22
CA ALA A 35 -10.98 8.96 16.50
C ALA A 35 -10.44 10.08 17.38
N GLY A 36 -10.50 11.38 16.98
CA GLY A 36 -9.96 12.43 17.85
C GLY A 36 -8.43 12.40 17.95
N ARG A 37 -7.70 11.88 16.94
CA ARG A 37 -6.24 11.73 16.98
CA ARG A 37 -6.26 11.74 16.99
C ARG A 37 -5.60 13.06 16.59
N SER A 38 -4.53 13.46 17.29
CA SER A 38 -3.71 14.60 16.93
C SER A 38 -2.64 14.11 15.95
N GLY A 39 -2.33 14.93 14.94
CA GLY A 39 -1.17 14.74 14.09
C GLY A 39 0.03 15.62 14.44
N ILE A 40 0.03 16.26 15.62
CA ILE A 40 0.96 17.33 15.98
C ILE A 40 2.07 16.71 16.80
N ALA A 41 3.32 17.02 16.47
CA ALA A 41 4.45 16.49 17.23
C ALA A 41 5.62 17.47 17.15
N PRO A 42 6.67 17.33 18.02
CA PRO A 42 7.93 18.04 17.80
C PRO A 42 8.48 17.76 16.40
N ILE A 43 8.98 18.79 15.71
CA ILE A 43 9.46 18.67 14.35
C ILE A 43 10.84 17.98 14.40
N GLU A 44 11.04 16.98 13.52
CA GLU A 44 12.23 16.11 13.50
C GLU A 44 13.27 16.54 12.47
N HIS A 45 12.86 17.19 11.37
CA HIS A 45 13.66 17.40 10.17
C HIS A 45 14.52 18.67 10.26
N MET A 46 14.43 19.44 11.35
CA MET A 46 15.36 20.53 11.61
C MET A 46 15.51 20.77 13.11
N ASP A 47 16.59 21.47 13.45
CA ASP A 47 16.96 21.81 14.81
C ASP A 47 16.30 23.14 15.10
N LEU A 48 15.27 23.14 15.97
CA LEU A 48 14.47 24.32 16.28
C LEU A 48 14.76 24.86 17.69
N SER A 49 15.96 24.60 18.28
CA SER A 49 16.21 24.98 19.68
C SER A 49 16.18 26.51 19.92
N ALA A 50 16.47 27.31 18.89
CA ALA A 50 16.39 28.77 18.90
C ALA A 50 14.98 29.35 18.64
N TYR A 51 13.97 28.51 18.28
CA TYR A 51 12.66 29.00 17.86
C TYR A 51 11.72 28.91 19.05
N SER A 52 10.75 29.83 19.13
CA SER A 52 9.74 29.81 20.19
C SER A 52 8.70 28.69 20.01
N THR A 53 8.51 28.16 18.78
CA THR A 53 7.66 27.00 18.48
C THR A 53 8.50 25.91 17.81
N ARG A 54 8.43 24.67 18.35
CA ARG A 54 9.30 23.57 17.98
C ARG A 54 8.51 22.35 17.53
N PHE A 55 7.22 22.54 17.18
CA PHE A 55 6.32 21.46 16.88
C PHE A 55 5.40 21.91 15.74
N GLY A 56 4.76 20.92 15.13
CA GLY A 56 3.86 21.18 14.01
C GLY A 56 3.23 19.89 13.52
N GLY A 57 2.43 19.97 12.46
CA GLY A 57 1.84 18.82 11.81
C GLY A 57 2.65 18.45 10.58
N SER A 58 3.52 17.42 10.70
CA SER A 58 4.30 16.93 9.57
C SER A 58 3.54 15.80 8.90
N VAL A 59 3.83 15.60 7.61
CA VAL A 59 3.45 14.40 6.87
C VAL A 59 4.47 13.32 7.21
N LYS A 60 3.98 12.15 7.65
CA LYS A 60 4.84 11.08 8.19
C LYS A 60 4.96 9.97 7.15
N GLY A 61 6.17 9.62 6.77
CA GLY A 61 6.42 8.41 5.99
C GLY A 61 6.03 8.55 4.51
N PHE A 62 6.02 9.80 3.98
CA PHE A 62 5.61 10.00 2.60
C PHE A 62 6.65 9.37 1.68
N ASN A 63 6.18 8.57 0.69
CA ASN A 63 7.04 8.07 -0.38
C ASN A 63 6.63 8.69 -1.71
N VAL A 64 7.36 9.74 -2.16
CA VAL A 64 7.11 10.35 -3.46
C VAL A 64 7.17 9.33 -4.62
N GLU A 65 8.03 8.30 -4.50
CA GLU A 65 8.22 7.26 -5.50
C GLU A 65 6.96 6.43 -5.81
N GLU A 66 5.94 6.42 -4.94
CA GLU A 66 4.61 5.93 -5.28
C GLU A 66 3.94 6.72 -6.41
N TYR A 67 4.32 8.00 -6.60
CA TYR A 67 3.69 8.94 -7.53
C TYR A 67 4.60 9.32 -8.71
N LEU A 68 5.90 9.52 -8.48
CA LEU A 68 6.85 10.07 -9.43
C LEU A 68 8.10 9.21 -9.39
N SER A 69 8.83 9.11 -10.50
CA SER A 69 10.20 8.61 -10.49
C SER A 69 11.08 9.49 -9.57
N ALA A 70 12.16 8.89 -9.03
CA ALA A 70 13.14 9.61 -8.23
C ALA A 70 13.76 10.77 -9.02
N LYS A 71 13.89 10.62 -10.37
CA LYS A 71 14.39 11.67 -11.25
C LYS A 71 13.48 12.91 -11.19
N GLU A 72 12.17 12.74 -11.52
CA GLU A 72 11.18 13.82 -11.54
C GLU A 72 11.09 14.48 -10.15
N ALA A 73 10.99 13.65 -9.09
CA ALA A 73 10.82 14.14 -7.72
C ALA A 73 11.93 15.03 -7.19
N ARG A 74 13.23 14.74 -7.50
CA ARG A 74 14.38 15.54 -7.06
C ARG A 74 14.37 17.00 -7.55
N LYS A 75 13.65 17.27 -8.66
CA LYS A 75 13.48 18.60 -9.24
C LYS A 75 12.37 19.44 -8.58
N LEU A 76 11.59 18.91 -7.59
CA LEU A 76 10.37 19.56 -7.09
C LEU A 76 10.46 19.77 -5.58
N ASP A 77 10.15 20.99 -5.10
CA ASP A 77 9.92 21.25 -3.69
C ASP A 77 8.83 20.30 -3.15
N LEU A 78 8.92 20.04 -1.84
CA LEU A 78 7.97 19.21 -1.14
C LEU A 78 6.52 19.64 -1.33
N PHE A 79 6.22 20.96 -1.42
CA PHE A 79 4.84 21.41 -1.56
C PHE A 79 4.31 20.92 -2.92
N ILE A 80 5.17 20.84 -3.95
CA ILE A 80 4.73 20.35 -5.26
C ILE A 80 4.51 18.83 -5.18
N GLN A 81 5.47 18.12 -4.63
CA GLN A 81 5.34 16.67 -4.44
C GLN A 81 4.06 16.30 -3.70
N TYR A 82 3.74 17.04 -2.62
CA TYR A 82 2.49 16.88 -1.89
C TYR A 82 1.26 17.14 -2.74
N GLY A 83 1.26 18.26 -3.48
CA GLY A 83 0.14 18.58 -4.33
C GLY A 83 -0.10 17.54 -5.42
N LEU A 84 0.97 17.04 -6.02
CA LEU A 84 0.89 16.02 -7.05
C LEU A 84 0.33 14.71 -6.48
N ALA A 85 0.82 14.31 -5.29
CA ALA A 85 0.33 13.11 -4.61
C ALA A 85 -1.18 13.15 -4.39
N ALA A 86 -1.68 14.27 -3.81
CA ALA A 86 -3.12 14.48 -3.61
C ALA A 86 -3.89 14.44 -4.92
N SER A 87 -3.39 15.13 -5.96
CA SER A 87 -4.02 15.19 -7.27
C SER A 87 -4.14 13.81 -7.92
N PHE A 88 -3.04 13.08 -7.97
CA PHE A 88 -3.02 11.73 -8.53
C PHE A 88 -3.97 10.78 -7.80
N GLN A 89 -4.06 10.89 -6.46
CA GLN A 89 -5.02 10.12 -5.69
C GLN A 89 -6.45 10.45 -6.14
N ALA A 90 -6.75 11.77 -6.24
CA ALA A 90 -8.08 12.23 -6.61
C ALA A 90 -8.49 11.73 -8.00
N VAL A 91 -7.57 11.86 -8.99
CA VAL A 91 -7.87 11.46 -10.37
C VAL A 91 -8.14 9.95 -10.42
N ARG A 92 -7.23 9.16 -9.81
CA ARG A 92 -7.42 7.71 -9.64
C ARG A 92 -8.77 7.39 -8.97
N ASP A 93 -9.08 8.06 -7.86
CA ASP A 93 -10.32 7.87 -7.09
C ASP A 93 -11.57 8.17 -7.94
N SER A 94 -11.46 9.14 -8.88
CA SER A 94 -12.56 9.51 -9.76
C SER A 94 -12.92 8.44 -10.78
N GLY A 95 -11.93 7.63 -11.20
CA GLY A 95 -12.10 6.65 -12.26
C GLY A 95 -12.05 7.25 -13.67
N LEU A 96 -11.75 8.57 -13.82
CA LEU A 96 -11.82 9.22 -15.13
C LEU A 96 -10.71 8.74 -16.03
N GLU A 97 -11.06 8.42 -17.29
CA GLU A 97 -10.09 8.18 -18.34
C GLU A 97 -9.97 9.47 -19.16
N VAL A 98 -8.74 10.00 -19.23
CA VAL A 98 -8.41 11.18 -20.02
C VAL A 98 -8.15 10.71 -21.45
N THR A 99 -8.83 11.32 -22.44
CA THR A 99 -8.73 10.98 -23.87
C THR A 99 -8.53 12.28 -24.67
N ASP A 100 -8.32 12.13 -26.00
CA ASP A 100 -8.35 13.27 -26.91
C ASP A 100 -9.71 13.96 -26.99
N ALA A 101 -10.81 13.21 -26.79
CA ALA A 101 -12.15 13.79 -26.81
C ALA A 101 -12.44 14.65 -25.57
N ASN A 102 -11.74 14.47 -24.43
CA ASN A 102 -12.06 15.22 -23.21
C ASN A 102 -10.91 16.03 -22.64
N ARG A 103 -9.64 15.84 -23.08
CA ARG A 103 -8.49 16.42 -22.44
C ARG A 103 -8.50 17.96 -22.47
N GLU A 104 -9.10 18.58 -23.51
CA GLU A 104 -9.27 20.03 -23.51
C GLU A 104 -10.29 20.52 -22.49
N ARG A 105 -11.17 19.63 -21.96
CA ARG A 105 -12.21 19.93 -21.01
C ARG A 105 -11.84 19.57 -19.57
N ILE A 106 -10.55 19.20 -19.31
CA ILE A 106 -10.08 18.85 -17.99
C ILE A 106 -8.95 19.83 -17.65
N GLY A 107 -9.14 20.57 -16.55
CA GLY A 107 -8.16 21.54 -16.06
C GLY A 107 -7.75 21.27 -14.63
N VAL A 108 -7.00 22.24 -14.11
CA VAL A 108 -6.38 22.12 -12.82
C VAL A 108 -6.27 23.49 -12.15
N SER A 109 -6.66 23.55 -10.86
CA SER A 109 -6.47 24.71 -9.99
C SER A 109 -5.97 24.27 -8.63
N MET A 110 -4.67 24.08 -8.47
CA MET A 110 -4.04 23.69 -7.24
C MET A 110 -3.18 24.86 -6.81
N GLY A 111 -3.40 25.35 -5.59
CA GLY A 111 -2.80 26.57 -5.06
C GLY A 111 -1.89 26.26 -3.87
N SER A 112 -1.27 27.34 -3.40
CA SER A 112 -0.41 27.26 -2.21
C SER A 112 -0.36 28.67 -1.59
N GLY A 113 -0.22 28.70 -0.27
CA GLY A 113 -0.10 29.93 0.48
C GLY A 113 1.25 30.60 0.30
N ILE A 114 2.30 29.80 0.49
CA ILE A 114 3.69 30.25 0.58
C ILE A 114 4.56 29.58 -0.50
N GLY A 115 4.23 28.35 -0.95
CA GLY A 115 4.94 27.71 -2.04
C GLY A 115 6.26 27.14 -1.51
N GLY A 116 7.33 27.29 -2.28
CA GLY A 116 8.56 26.51 -2.11
C GLY A 116 9.57 27.18 -1.18
N LEU A 117 9.15 27.41 0.07
CA LEU A 117 9.92 28.14 1.07
C LEU A 117 11.18 27.36 1.45
N THR A 118 11.06 26.03 1.62
CA THR A 118 12.18 25.14 1.88
C THR A 118 13.20 25.28 0.75
N ASN A 119 12.75 25.15 -0.51
CA ASN A 119 13.66 25.26 -1.65
C ASN A 119 14.33 26.63 -1.64
N ILE A 120 13.54 27.69 -1.37
CA ILE A 120 14.08 29.04 -1.34
C ILE A 120 15.17 29.18 -0.26
N GLU A 121 14.89 28.67 0.95
CA GLU A 121 15.81 28.71 2.07
C GLU A 121 17.11 27.97 1.74
N ASN A 122 17.02 26.75 1.20
CA ASN A 122 18.21 25.96 0.84
C ASN A 122 19.04 26.59 -0.28
N ASN A 123 18.39 27.11 -1.34
CA ASN A 123 19.06 27.84 -2.40
C ASN A 123 19.69 29.15 -1.89
N CYS A 124 19.04 29.84 -0.94
CA CYS A 124 19.56 31.05 -0.30
C CYS A 124 20.84 30.77 0.48
N ARG A 125 20.89 29.61 1.15
CA ARG A 125 22.09 29.18 1.88
C ARG A 125 23.25 28.97 0.89
N SER A 126 23.01 28.24 -0.23
CA SER A 126 24.02 28.07 -1.28
C SER A 126 24.47 29.41 -1.86
N LEU A 127 23.51 30.31 -2.17
CA LEU A 127 23.79 31.65 -2.68
C LEU A 127 24.74 32.43 -1.77
N PHE A 128 24.49 32.45 -0.45
CA PHE A 128 25.24 33.30 0.50
C PHE A 128 26.62 32.73 0.80
N GLU A 129 26.72 31.39 0.90
CA GLU A 129 27.96 30.70 1.18
C GLU A 129 28.91 30.73 -0.02
N GLN A 130 28.39 30.48 -1.22
CA GLN A 130 29.19 30.14 -2.39
C GLN A 130 29.03 31.24 -3.44
N GLY A 131 27.78 31.52 -3.82
CA GLY A 131 27.45 32.45 -4.88
C GLY A 131 26.41 31.86 -5.83
N PRO A 132 25.95 32.62 -6.85
CA PRO A 132 24.84 32.19 -7.71
C PRO A 132 25.00 30.96 -8.61
N ARG A 133 26.25 30.54 -8.87
CA ARG A 133 26.53 29.29 -9.56
C ARG A 133 26.12 28.03 -8.80
N ARG A 134 25.92 28.10 -7.47
CA ARG A 134 25.42 26.96 -6.71
C ARG A 134 23.89 26.84 -6.72
N ILE A 135 23.13 27.81 -7.28
CA ILE A 135 21.67 27.74 -7.35
C ILE A 135 21.30 26.60 -8.30
N SER A 136 20.26 25.83 -7.94
CA SER A 136 19.84 24.70 -8.75
C SER A 136 19.25 25.23 -10.06
N PRO A 137 19.51 24.60 -11.24
CA PRO A 137 18.77 24.90 -12.46
C PRO A 137 17.26 24.67 -12.43
N PHE A 138 16.78 23.79 -11.53
CA PHE A 138 15.35 23.56 -11.34
C PHE A 138 14.76 24.46 -10.25
N PHE A 139 15.53 25.38 -9.65
CA PHE A 139 15.07 26.22 -8.57
C PHE A 139 13.73 26.90 -8.93
N VAL A 140 13.63 27.58 -10.08
CA VAL A 140 12.43 28.32 -10.44
C VAL A 140 11.27 27.37 -10.75
N PRO A 141 11.35 26.42 -11.73
CA PRO A 141 10.21 25.56 -12.06
C PRO A 141 9.82 24.65 -10.90
N GLY A 142 10.77 24.31 -10.01
CA GLY A 142 10.51 23.42 -8.90
C GLY A 142 10.04 24.10 -7.63
N SER A 143 9.91 25.45 -7.63
CA SER A 143 9.52 26.19 -6.45
C SER A 143 8.27 27.05 -6.64
N ILE A 144 7.90 27.48 -7.87
CA ILE A 144 6.87 28.47 -8.03
C ILE A 144 5.51 27.76 -7.88
N ILE A 145 4.54 28.52 -7.37
CA ILE A 145 3.29 27.98 -6.88
C ILE A 145 2.47 27.29 -7.99
N ASN A 146 2.52 27.79 -9.23
CA ASN A 146 1.69 27.25 -10.31
C ASN A 146 2.22 25.94 -10.87
N MET A 147 3.37 25.43 -10.39
CA MET A 147 3.96 24.19 -10.87
C MET A 147 3.24 22.92 -10.39
N VAL A 148 2.30 22.96 -9.41
CA VAL A 148 1.43 21.81 -9.12
C VAL A 148 0.44 21.65 -10.28
N SER A 149 -0.25 22.77 -10.62
CA SER A 149 -1.08 22.80 -11.82
C SER A 149 -0.28 22.44 -13.09
N GLY A 150 0.91 23.02 -13.22
CA GLY A 150 1.79 22.80 -14.36
C GLY A 150 2.17 21.32 -14.53
N PHE A 151 2.86 20.76 -13.53
CA PHE A 151 3.32 19.37 -13.59
C PHE A 151 2.15 18.37 -13.69
N LEU A 152 1.01 18.63 -13.02
CA LEU A 152 -0.13 17.72 -13.09
C LEU A 152 -0.66 17.66 -14.52
N SER A 153 -0.85 18.84 -15.14
CA SER A 153 -1.31 18.90 -16.52
C SER A 153 -0.39 18.13 -17.47
N ILE A 154 0.93 18.24 -17.26
CA ILE A 154 1.91 17.59 -18.10
C ILE A 154 1.84 16.06 -17.94
N HIS A 155 1.87 15.58 -16.70
CA HIS A 155 1.82 14.15 -16.41
C HIS A 155 0.54 13.47 -16.94
N LEU A 156 -0.63 14.11 -16.77
CA LEU A 156 -1.91 13.55 -17.20
C LEU A 156 -2.44 14.01 -18.54
N GLY A 157 -1.74 14.97 -19.21
CA GLY A 157 -2.22 15.47 -20.48
C GLY A 157 -3.49 16.32 -20.36
N LEU A 158 -3.60 17.17 -19.33
CA LEU A 158 -4.80 17.98 -19.06
C LEU A 158 -4.62 19.33 -19.75
N GLN A 159 -5.49 19.68 -20.70
CA GLN A 159 -5.30 20.85 -21.54
C GLN A 159 -6.31 21.96 -21.26
N GLY A 160 -7.16 21.77 -20.22
CA GLY A 160 -8.16 22.74 -19.84
C GLY A 160 -7.55 23.88 -19.02
N PRO A 161 -8.39 24.78 -18.43
CA PRO A 161 -7.93 25.91 -17.64
C PRO A 161 -6.89 25.46 -16.59
N ASN A 162 -5.79 26.22 -16.51
CA ASN A 162 -4.61 25.83 -15.77
C ASN A 162 -4.18 27.07 -14.98
N TYR A 163 -4.45 27.10 -13.67
CA TYR A 163 -4.07 28.24 -12.85
C TYR A 163 -3.84 27.85 -11.39
N ALA A 164 -3.43 28.81 -10.57
CA ALA A 164 -3.11 28.60 -9.16
C ALA A 164 -3.46 29.86 -8.39
N LEU A 165 -4.15 29.66 -7.25
CA LEU A 165 -4.52 30.68 -6.27
C LEU A 165 -3.46 30.71 -5.20
N THR A 166 -3.29 31.89 -4.57
CA THR A 166 -2.45 32.03 -3.38
C THR A 166 -3.12 33.04 -2.48
N THR A 167 -3.95 32.56 -1.52
CA THR A 167 -4.78 33.43 -0.69
C THR A 167 -4.70 32.99 0.76
N ALA A 168 -3.45 32.74 1.22
CA ALA A 168 -3.15 32.37 2.58
C ALA A 168 -4.01 31.17 2.99
N ALA A 169 -4.67 31.22 4.14
CA ALA A 169 -5.55 30.18 4.58
C ALA A 169 -6.77 29.93 3.69
N THR A 170 -7.14 30.83 2.80
CA THR A 170 -8.31 30.66 1.94
C THR A 170 -7.97 29.94 0.64
N THR A 171 -6.69 29.61 0.35
CA THR A 171 -6.21 29.17 -0.96
C THR A 171 -7.01 27.98 -1.47
N GLY A 172 -7.13 26.95 -0.62
CA GLY A 172 -7.81 25.73 -1.02
C GLY A 172 -9.30 25.93 -1.25
N THR A 173 -9.93 26.80 -0.46
CA THR A 173 -11.35 27.14 -0.58
C THR A 173 -11.60 27.89 -1.90
N HIS A 174 -10.80 28.95 -2.14
CA HIS A 174 -10.88 29.67 -3.40
C HIS A 174 -10.57 28.77 -4.59
N SER A 175 -9.57 27.87 -4.46
CA SER A 175 -9.19 27.01 -5.59
C SER A 175 -10.36 26.11 -6.04
N ILE A 176 -11.07 25.54 -5.08
CA ILE A 176 -12.16 24.63 -5.34
C ILE A 176 -13.34 25.42 -5.88
N GLY A 177 -13.69 26.54 -5.21
CA GLY A 177 -14.81 27.37 -5.64
C GLY A 177 -14.67 27.88 -7.08
N MET A 178 -13.48 28.37 -7.41
CA MET A 178 -13.25 28.93 -8.76
C MET A 178 -13.19 27.83 -9.82
N ALA A 179 -12.68 26.65 -9.48
CA ALA A 179 -12.75 25.49 -10.35
C ALA A 179 -14.20 25.09 -10.62
N ALA A 180 -15.04 25.08 -9.59
CA ALA A 180 -16.46 24.78 -9.75
C ALA A 180 -17.14 25.80 -10.66
N ARG A 181 -16.78 27.09 -10.55
CA ARG A 181 -17.23 28.13 -11.46
C ARG A 181 -16.87 27.84 -12.93
N ASN A 182 -15.65 27.35 -13.18
CA ASN A 182 -15.23 26.99 -14.53
C ASN A 182 -16.18 25.95 -15.14
N ILE A 183 -16.55 24.94 -14.34
CA ILE A 183 -17.42 23.87 -14.79
C ILE A 183 -18.84 24.37 -14.97
N ALA A 184 -19.37 25.09 -13.98
CA ALA A 184 -20.70 25.72 -14.03
C ALA A 184 -20.91 26.58 -15.27
N TYR A 185 -19.88 27.31 -15.70
CA TYR A 185 -20.01 28.25 -16.82
C TYR A 185 -19.58 27.64 -18.14
N GLY A 186 -19.21 26.35 -18.22
CA GLY A 186 -18.92 25.64 -19.46
C GLY A 186 -17.47 25.74 -19.97
N GLU A 187 -16.55 26.36 -19.22
CA GLU A 187 -15.14 26.44 -19.56
C GLU A 187 -14.41 25.12 -19.38
N ALA A 188 -14.97 24.20 -18.58
CA ALA A 188 -14.43 22.87 -18.41
C ALA A 188 -15.57 21.95 -17.99
N ASP A 189 -15.38 20.66 -18.20
CA ASP A 189 -16.25 19.61 -17.65
C ASP A 189 -15.68 18.97 -16.38
N VAL A 190 -14.35 18.94 -16.24
CA VAL A 190 -13.68 18.37 -15.06
C VAL A 190 -12.61 19.38 -14.61
N MET A 191 -12.42 19.50 -13.29
CA MET A 191 -11.29 20.24 -12.74
C MET A 191 -10.70 19.48 -11.56
N VAL A 192 -9.37 19.41 -11.50
CA VAL A 192 -8.66 18.97 -10.30
C VAL A 192 -8.31 20.22 -9.48
N ALA A 193 -8.85 20.33 -8.25
CA ALA A 193 -8.72 21.54 -7.46
C ALA A 193 -8.43 21.24 -5.99
N GLY A 194 -7.68 22.18 -5.38
CA GLY A 194 -7.35 22.12 -3.98
C GLY A 194 -6.08 22.91 -3.67
N GLY A 195 -5.26 22.39 -2.76
CA GLY A 195 -4.06 23.10 -2.36
C GLY A 195 -3.06 22.25 -1.61
N SER A 196 -1.84 22.78 -1.49
CA SER A 196 -0.73 22.09 -0.84
C SER A 196 0.17 23.11 -0.14
N GLU A 197 0.85 22.64 0.90
CA GLU A 197 1.69 23.48 1.74
C GLU A 197 2.78 22.65 2.40
N MET A 198 4.01 23.22 2.41
CA MET A 198 5.12 22.72 3.22
CA MET A 198 5.09 22.72 3.27
C MET A 198 5.93 23.94 3.64
N ALA A 199 5.56 24.63 4.72
CA ALA A 199 6.22 25.84 5.18
C ALA A 199 6.97 25.61 6.49
N ALA A 200 7.24 24.35 6.88
CA ALA A 200 7.99 24.04 8.10
C ALA A 200 9.48 24.10 7.78
N CYS A 201 9.96 25.33 7.64
CA CYS A 201 11.36 25.66 7.56
C CYS A 201 11.58 26.81 8.54
N GLY A 202 12.83 27.25 8.63
CA GLY A 202 13.24 28.36 9.47
C GLY A 202 12.44 29.63 9.19
N LEU A 203 12.31 29.96 7.90
CA LEU A 203 11.52 31.13 7.51
C LEU A 203 10.06 30.99 7.90
N GLY A 204 9.46 29.79 7.83
CA GLY A 204 8.03 29.64 8.13
C GLY A 204 7.74 29.72 9.63
N LEU A 205 8.38 28.85 10.40
CA LEU A 205 8.30 28.87 11.87
C LEU A 205 8.79 30.21 12.46
N GLY A 206 9.90 30.73 11.91
CA GLY A 206 10.46 32.00 12.38
C GLY A 206 9.61 33.19 12.01
N GLY A 207 9.05 33.17 10.77
CA GLY A 207 8.17 34.20 10.26
C GLY A 207 6.89 34.30 11.05
N PHE A 208 6.18 33.16 11.18
CA PHE A 208 4.92 33.18 11.92
C PHE A 208 5.19 33.40 13.41
N GLY A 209 6.30 32.86 13.94
CA GLY A 209 6.77 33.17 15.28
C GLY A 209 7.05 34.65 15.53
N ALA A 210 7.68 35.35 14.55
CA ALA A 210 7.95 36.78 14.65
C ALA A 210 6.64 37.58 14.68
N ALA A 211 5.61 37.17 13.92
CA ALA A 211 4.27 37.74 13.97
C ALA A 211 3.46 37.34 15.22
N ARG A 212 3.99 36.51 16.14
CA ARG A 212 3.30 36.01 17.33
C ARG A 212 1.99 35.27 16.97
N ALA A 213 2.00 34.57 15.84
CA ALA A 213 0.81 33.90 15.30
C ALA A 213 0.71 32.47 15.82
N LEU A 214 1.81 31.86 16.28
CA LEU A 214 1.87 30.44 16.60
C LEU A 214 1.65 30.19 18.10
N SER A 215 0.99 29.06 18.41
CA SER A 215 1.08 28.45 19.73
C SER A 215 2.54 28.15 20.08
N THR A 216 2.91 28.41 21.35
CA THR A 216 4.21 28.08 21.92
C THR A 216 4.08 27.01 23.02
N ARG A 217 3.12 26.08 22.91
CA ARG A 217 2.92 25.05 23.93
C ARG A 217 3.81 23.84 23.59
N ASN A 218 5.14 24.05 23.67
CA ASN A 218 6.15 23.07 23.30
C ASN A 218 6.10 21.80 24.17
N ASP A 219 5.70 21.97 25.43
CA ASP A 219 5.57 20.89 26.43
C ASP A 219 4.45 19.90 26.11
N GLU A 220 3.38 20.31 25.40
CA GLU A 220 2.24 19.45 25.09
C GLU A 220 1.76 19.77 23.68
N PRO A 221 2.51 19.40 22.61
CA PRO A 221 2.15 19.76 21.22
C PRO A 221 0.74 19.32 20.81
N THR A 222 0.27 18.15 21.30
CA THR A 222 -1.04 17.62 20.96
C THR A 222 -2.21 18.41 21.57
N ARG A 223 -1.94 19.23 22.59
CA ARG A 223 -2.87 20.13 23.23
C ARG A 223 -2.79 21.58 22.74
N ALA A 224 -1.87 21.90 21.82
CA ALA A 224 -1.60 23.28 21.43
C ALA A 224 -2.77 23.87 20.66
N SER A 225 -3.24 23.10 19.65
CA SER A 225 -4.38 23.47 18.85
C SER A 225 -5.68 23.21 19.62
N ARG A 226 -6.35 24.29 20.05
CA ARG A 226 -7.49 24.21 20.96
C ARG A 226 -8.49 25.30 20.56
N PRO A 227 -9.13 25.19 19.36
CA PRO A 227 -10.08 26.20 18.93
C PRO A 227 -11.22 26.44 19.95
N TRP A 228 -11.50 27.73 20.24
CA TRP A 228 -12.55 28.18 21.16
C TRP A 228 -12.26 27.92 22.63
N ASP A 229 -11.10 27.33 22.96
CA ASP A 229 -10.72 27.07 24.34
C ASP A 229 -10.12 28.34 24.90
N ARG A 230 -10.40 28.63 26.18
CA ARG A 230 -10.00 29.87 26.82
C ARG A 230 -8.48 30.03 26.94
N ASP A 231 -7.70 28.93 26.83
CA ASP A 231 -6.24 28.97 26.92
C ASP A 231 -5.54 28.80 25.57
N ARG A 232 -6.27 28.94 24.44
CA ARG A 232 -5.64 28.99 23.13
C ARG A 232 -4.65 30.15 23.05
N ASP A 233 -3.56 29.95 22.28
CA ASP A 233 -2.49 30.93 22.16
C ASP A 233 -1.94 31.01 20.73
N GLY A 234 -2.74 30.77 19.68
CA GLY A 234 -2.26 30.83 18.30
C GLY A 234 -2.31 29.45 17.63
N PHE A 235 -2.06 29.45 16.31
CA PHE A 235 -2.30 28.27 15.48
C PHE A 235 -1.05 27.41 15.48
N VAL A 236 -1.24 26.19 14.96
CA VAL A 236 -0.19 25.21 14.79
C VAL A 236 0.04 25.07 13.31
N LEU A 237 1.28 25.21 12.88
CA LEU A 237 1.69 25.12 11.48
C LEU A 237 1.80 23.66 11.08
N SER A 238 1.12 23.30 9.97
CA SER A 238 0.95 21.95 9.46
C SER A 238 1.15 21.90 7.94
N ASP A 239 1.50 20.71 7.46
CA ASP A 239 1.90 20.45 6.09
C ASP A 239 0.93 19.45 5.50
N GLY A 240 0.81 19.51 4.17
CA GLY A 240 0.22 18.47 3.37
C GLY A 240 -0.58 19.07 2.21
N SER A 241 -1.67 18.37 1.84
CA SER A 241 -2.30 18.61 0.56
C SER A 241 -3.71 18.02 0.51
N GLY A 242 -4.59 18.66 -0.23
CA GLY A 242 -5.90 18.13 -0.57
C GLY A 242 -6.21 18.38 -2.03
N ALA A 243 -6.89 17.42 -2.69
CA ALA A 243 -7.35 17.60 -4.07
C ALA A 243 -8.72 16.93 -4.25
N LEU A 244 -9.62 17.62 -4.95
CA LEU A 244 -10.90 17.10 -5.37
C LEU A 244 -10.94 17.06 -6.89
N VAL A 245 -11.60 16.03 -7.46
CA VAL A 245 -12.04 16.02 -8.83
C VAL A 245 -13.48 16.54 -8.79
N LEU A 246 -13.65 17.72 -9.39
CA LEU A 246 -14.93 18.35 -9.58
C LEU A 246 -15.35 17.96 -11.01
N GLU A 247 -16.66 17.73 -11.23
CA GLU A 247 -17.16 17.23 -12.51
C GLU A 247 -18.57 17.74 -12.76
N GLU A 248 -18.88 18.12 -14.02
CA GLU A 248 -20.26 18.44 -14.38
C GLU A 248 -21.15 17.20 -14.19
N LEU A 249 -22.36 17.39 -13.69
CA LEU A 249 -23.22 16.29 -13.24
C LEU A 249 -23.55 15.33 -14.40
N GLU A 250 -24.00 15.89 -15.55
CA GLU A 250 -24.34 15.08 -16.72
C GLU A 250 -23.16 14.27 -17.24
N HIS A 251 -21.96 14.89 -17.28
CA HIS A 251 -20.69 14.22 -17.56
C HIS A 251 -20.42 13.05 -16.60
N ALA A 252 -20.62 13.27 -15.29
CA ALA A 252 -20.40 12.26 -14.26
C ALA A 252 -21.38 11.08 -14.41
N ARG A 253 -22.68 11.42 -14.48
CA ARG A 253 -23.78 10.49 -14.72
C ARG A 253 -23.54 9.60 -15.96
N ALA A 254 -23.16 10.22 -17.08
CA ALA A 254 -22.97 9.52 -18.35
C ALA A 254 -21.91 8.40 -18.26
N ARG A 255 -20.79 8.65 -17.57
CA ARG A 255 -19.76 7.63 -17.39
C ARG A 255 -19.99 6.72 -16.18
N GLY A 256 -21.09 6.88 -15.42
CA GLY A 256 -21.37 6.07 -14.23
C GLY A 256 -20.41 6.36 -13.07
N ALA A 257 -19.99 7.63 -12.88
CA ALA A 257 -19.09 8.00 -11.80
C ALA A 257 -19.79 7.85 -10.44
N ARG A 258 -19.02 7.50 -9.41
CA ARG A 258 -19.48 7.58 -8.03
CA ARG A 258 -19.49 7.58 -8.03
C ARG A 258 -19.41 9.05 -7.59
N ILE A 259 -20.55 9.61 -7.16
CA ILE A 259 -20.69 10.98 -6.73
C ILE A 259 -20.67 10.96 -5.21
N TYR A 260 -19.68 11.63 -4.59
CA TYR A 260 -19.66 11.75 -3.14
C TYR A 260 -20.69 12.75 -2.61
N ALA A 261 -20.79 13.91 -3.28
CA ALA A 261 -21.63 15.01 -2.87
C ALA A 261 -21.69 16.03 -4.00
N GLU A 262 -22.61 16.99 -3.82
CA GLU A 262 -22.75 18.08 -4.76
C GLU A 262 -22.06 19.32 -4.18
N LEU A 263 -21.27 20.05 -5.01
CA LEU A 263 -20.79 21.37 -4.66
C LEU A 263 -21.88 22.36 -5.12
N VAL A 264 -22.66 22.92 -4.19
CA VAL A 264 -23.84 23.73 -4.47
C VAL A 264 -23.53 25.22 -4.32
N GLY A 265 -22.58 25.64 -3.46
CA GLY A 265 -22.39 27.05 -3.21
C GLY A 265 -20.93 27.42 -3.01
N PHE A 266 -20.57 28.62 -3.50
CA PHE A 266 -19.29 29.26 -3.21
C PHE A 266 -19.52 30.74 -2.98
N GLY A 267 -19.04 31.27 -1.85
CA GLY A 267 -19.11 32.66 -1.47
C GLY A 267 -17.72 33.18 -1.16
N MET A 268 -17.55 34.48 -1.33
CA MET A 268 -16.33 35.22 -1.03
C MET A 268 -16.71 36.60 -0.47
N SER A 269 -15.77 37.15 0.27
CA SER A 269 -15.85 38.51 0.75
C SER A 269 -14.44 38.93 1.15
N GLY A 270 -14.28 40.23 1.37
CA GLY A 270 -13.15 40.79 2.09
C GLY A 270 -13.65 41.51 3.34
N ASP A 271 -12.94 41.37 4.46
CA ASP A 271 -13.15 42.17 5.65
C ASP A 271 -12.97 43.67 5.40
N ALA A 272 -11.91 44.04 4.67
CA ALA A 272 -11.50 45.43 4.49
C ALA A 272 -11.33 46.14 5.85
N PHE A 273 -10.61 45.48 6.75
CA PHE A 273 -10.50 45.83 8.16
C PHE A 273 -9.05 45.94 8.60
N HIS A 274 -8.24 44.87 8.49
CA HIS A 274 -6.88 44.79 9.04
C HIS A 274 -6.10 43.61 8.43
N MET A 275 -4.75 43.72 8.39
CA MET A 275 -3.87 42.78 7.72
C MET A 275 -3.97 41.37 8.30
N THR A 276 -3.97 41.26 9.64
CA THR A 276 -3.99 40.00 10.36
C THR A 276 -5.15 39.90 11.35
N ALA A 277 -5.88 40.97 11.69
CA ALA A 277 -6.88 40.99 12.78
C ALA A 277 -8.28 40.99 12.17
N PRO A 278 -9.28 40.18 12.65
CA PRO A 278 -10.63 40.17 12.06
C PRO A 278 -11.51 41.21 12.76
N PRO A 279 -12.63 41.69 12.16
CA PRO A 279 -13.59 42.50 12.90
C PRO A 279 -14.21 41.66 14.04
N GLU A 280 -14.49 42.28 15.19
CA GLU A 280 -14.90 41.55 16.40
C GLU A 280 -16.23 40.82 16.25
N ASP A 281 -17.14 41.36 15.42
CA ASP A 281 -18.39 40.75 15.02
C ASP A 281 -18.27 39.75 13.84
N GLY A 282 -17.11 39.56 13.20
CA GLY A 282 -16.94 38.67 12.06
C GLY A 282 -17.85 39.03 10.87
N ALA A 283 -18.08 40.32 10.65
CA ALA A 283 -18.99 40.83 9.63
C ALA A 283 -18.62 40.34 8.25
N GLY A 284 -17.30 40.23 7.94
CA GLY A 284 -16.88 39.78 6.62
C GLY A 284 -17.15 38.29 6.39
N ALA A 285 -16.90 37.49 7.43
CA ALA A 285 -17.23 36.07 7.43
C ALA A 285 -18.73 35.87 7.31
N ALA A 286 -19.54 36.71 7.99
CA ALA A 286 -21.00 36.66 7.90
C ALA A 286 -21.46 36.88 6.46
N ARG A 287 -20.93 37.95 5.81
CA ARG A 287 -21.25 38.23 4.41
C ARG A 287 -20.87 37.05 3.50
N CYS A 288 -19.70 36.46 3.74
CA CYS A 288 -19.18 35.35 2.95
C CYS A 288 -20.06 34.12 3.06
N MET A 289 -20.44 33.75 4.29
CA MET A 289 -21.34 32.62 4.47
C MET A 289 -22.70 32.86 3.78
N LYS A 290 -23.26 34.08 3.94
CA LYS A 290 -24.53 34.42 3.29
C LYS A 290 -24.41 34.39 1.77
N ASN A 291 -23.28 34.88 1.23
CA ASN A 291 -23.04 34.78 -0.20
C ASN A 291 -23.01 33.34 -0.68
N ALA A 292 -22.36 32.42 0.10
CA ALA A 292 -22.33 31.03 -0.32
C ALA A 292 -23.72 30.37 -0.25
N LEU A 293 -24.48 30.65 0.83
CA LEU A 293 -25.83 30.10 0.96
C LEU A 293 -26.76 30.61 -0.12
N ARG A 294 -26.65 31.91 -0.45
CA ARG A 294 -27.39 32.51 -1.55
C ARG A 294 -27.05 31.85 -2.88
N ASP A 295 -25.75 31.61 -3.12
CA ASP A 295 -25.29 30.93 -4.31
C ASP A 295 -25.87 29.52 -4.41
N ALA A 296 -26.00 28.82 -3.27
CA ALA A 296 -26.55 27.47 -3.25
C ALA A 296 -28.07 27.43 -3.24
N GLY A 297 -28.76 28.58 -3.13
CA GLY A 297 -30.21 28.63 -3.01
C GLY A 297 -30.72 27.93 -1.73
N LEU A 298 -30.01 28.15 -0.62
CA LEU A 298 -30.26 27.51 0.66
C LEU A 298 -30.57 28.57 1.72
N ASP A 299 -31.52 28.25 2.59
CA ASP A 299 -31.77 29.02 3.79
C ASP A 299 -30.74 28.59 4.86
N PRO A 300 -30.33 29.49 5.79
CA PRO A 300 -29.42 29.10 6.88
C PRO A 300 -29.87 27.88 7.70
N ARG A 301 -31.20 27.72 7.86
CA ARG A 301 -31.79 26.58 8.57
C ARG A 301 -31.55 25.21 7.93
N GLN A 302 -31.14 25.16 6.64
CA GLN A 302 -30.83 23.91 5.96
C GLN A 302 -29.41 23.45 6.28
N VAL A 303 -28.58 24.26 6.96
CA VAL A 303 -27.22 23.84 7.29
C VAL A 303 -27.23 22.98 8.54
N ASP A 304 -26.57 21.83 8.45
CA ASP A 304 -26.44 20.88 9.56
C ASP A 304 -25.03 20.86 10.17
N TYR A 305 -23.98 21.04 9.35
CA TYR A 305 -22.58 20.92 9.78
C TYR A 305 -21.75 22.09 9.21
N ILE A 306 -20.92 22.73 10.04
CA ILE A 306 -19.93 23.70 9.59
C ILE A 306 -18.54 23.15 9.96
N ASN A 307 -17.64 22.98 8.98
CA ASN A 307 -16.22 22.83 9.22
C ASN A 307 -15.64 24.25 9.31
N ALA A 308 -15.35 24.68 10.53
CA ALA A 308 -14.93 26.06 10.83
C ALA A 308 -13.53 26.34 10.34
N HIS A 309 -13.22 27.63 10.16
CA HIS A 309 -11.86 28.08 10.03
C HIS A 309 -11.08 27.74 11.31
N GLY A 310 -11.56 28.23 12.47
CA GLY A 310 -11.21 27.79 13.82
C GLY A 310 -9.74 27.45 14.02
N THR A 311 -8.85 28.42 13.90
CA THR A 311 -7.39 28.19 13.87
C THR A 311 -6.74 28.16 15.25
N SER A 312 -7.49 28.40 16.33
CA SER A 312 -6.98 28.45 17.70
C SER A 312 -6.29 29.80 17.97
N THR A 313 -6.80 30.92 17.36
CA THR A 313 -6.32 32.26 17.68
C THR A 313 -7.25 32.93 18.68
N PRO A 314 -6.77 33.79 19.63
CA PRO A 314 -7.68 34.59 20.46
C PRO A 314 -8.81 35.36 19.73
N ALA A 315 -8.45 36.20 18.74
CA ALA A 315 -9.41 37.09 18.08
C ALA A 315 -10.27 36.34 17.07
N GLY A 316 -9.63 35.45 16.26
CA GLY A 316 -10.26 34.81 15.11
C GLY A 316 -11.39 33.86 15.54
N ASP A 317 -11.11 32.99 16.50
CA ASP A 317 -12.09 31.99 16.91
C ASP A 317 -13.42 32.64 17.34
N ILE A 318 -13.37 33.70 18.16
CA ILE A 318 -14.57 34.33 18.72
C ILE A 318 -15.34 35.10 17.65
N ALA A 319 -14.62 35.77 16.72
CA ALA A 319 -15.23 36.41 15.56
C ALA A 319 -16.02 35.41 14.69
N GLU A 320 -15.50 34.19 14.50
CA GLU A 320 -16.22 33.18 13.75
C GLU A 320 -17.53 32.76 14.43
N ILE A 321 -17.53 32.58 15.79
CA ILE A 321 -18.75 32.32 16.54
C ILE A 321 -19.74 33.46 16.28
N ALA A 322 -19.30 34.74 16.43
CA ALA A 322 -20.15 35.90 16.19
C ALA A 322 -20.78 35.88 14.80
N ALA A 323 -19.99 35.54 13.76
CA ALA A 323 -20.50 35.47 12.40
C ALA A 323 -21.55 34.37 12.22
N VAL A 324 -21.29 33.18 12.80
CA VAL A 324 -22.23 32.07 12.76
C VAL A 324 -23.54 32.44 13.46
N LYS A 325 -23.47 33.07 14.64
CA LYS A 325 -24.69 33.54 15.34
C LYS A 325 -25.49 34.56 14.53
N SER A 326 -24.80 35.48 13.84
CA SER A 326 -25.43 36.48 12.96
CA SER A 326 -25.43 36.48 12.95
C SER A 326 -26.15 35.81 11.78
N VAL A 327 -25.45 34.89 11.09
CA VAL A 327 -26.02 34.22 9.92
C VAL A 327 -27.19 33.31 10.33
N PHE A 328 -26.97 32.44 11.31
CA PHE A 328 -27.85 31.31 11.57
C PHE A 328 -28.96 31.61 12.60
N GLY A 329 -28.82 32.67 13.40
CA GLY A 329 -29.76 33.03 14.44
C GLY A 329 -29.92 31.87 15.42
N GLU A 330 -31.17 31.55 15.74
CA GLU A 330 -31.48 30.44 16.66
C GLU A 330 -31.04 29.08 16.12
N HIS A 331 -31.00 28.90 14.80
CA HIS A 331 -30.46 27.72 14.15
C HIS A 331 -28.95 27.51 14.41
N ALA A 332 -28.23 28.53 14.84
CA ALA A 332 -26.85 28.37 15.30
C ALA A 332 -26.72 27.37 16.45
N HIS A 333 -27.75 27.23 17.29
CA HIS A 333 -27.82 26.23 18.35
C HIS A 333 -28.25 24.84 17.89
N ALA A 334 -28.69 24.63 16.63
CA ALA A 334 -29.13 23.33 16.12
C ALA A 334 -28.07 22.66 15.26
N LEU A 335 -27.34 23.44 14.44
CA LEU A 335 -26.23 22.93 13.64
C LEU A 335 -25.09 22.47 14.60
N SER A 336 -24.20 21.65 14.06
CA SER A 336 -22.94 21.30 14.69
C SER A 336 -21.81 22.01 13.94
N MET A 337 -20.84 22.57 14.67
CA MET A 337 -19.69 23.21 14.04
C MET A 337 -18.45 22.64 14.74
N SER A 338 -17.42 22.25 13.98
CA SER A 338 -16.17 21.88 14.58
C SER A 338 -14.99 22.37 13.76
N SER A 339 -13.85 22.44 14.46
CA SER A 339 -12.60 22.71 13.82
C SER A 339 -11.78 21.43 13.87
N THR A 340 -11.54 20.86 12.67
CA THR A 340 -10.61 19.74 12.51
C THR A 340 -9.16 20.18 12.60
N LYS A 341 -8.88 21.49 12.68
CA LYS A 341 -7.55 22.01 12.98
C LYS A 341 -7.13 21.70 14.41
N SER A 342 -8.10 21.45 15.32
CA SER A 342 -7.82 20.84 16.62
C SER A 342 -6.88 19.63 16.53
N MET A 343 -7.04 18.81 15.48
CA MET A 343 -6.33 17.57 15.22
C MET A 343 -5.23 17.72 14.16
N THR A 344 -5.52 18.41 13.03
CA THR A 344 -4.58 18.50 11.92
C THR A 344 -3.61 19.67 12.07
N GLY A 345 -3.91 20.68 12.91
CA GLY A 345 -3.32 21.99 12.84
C GLY A 345 -3.74 22.71 11.56
N HIS A 346 -3.03 23.80 11.28
CA HIS A 346 -3.38 24.74 10.22
C HIS A 346 -2.47 24.46 9.02
N LEU A 347 -3.05 23.84 7.97
CA LEU A 347 -2.38 23.49 6.73
C LEU A 347 -2.28 24.67 5.75
N LEU A 348 -2.61 25.89 6.17
CA LEU A 348 -2.45 27.14 5.41
C LEU A 348 -3.13 26.97 4.05
N GLY A 349 -2.39 26.96 2.93
CA GLY A 349 -2.97 26.87 1.60
C GLY A 349 -3.63 25.52 1.31
N ALA A 350 -3.28 24.45 2.05
CA ALA A 350 -3.98 23.18 1.98
C ALA A 350 -5.22 23.09 2.87
N ALA A 351 -5.39 23.95 3.90
CA ALA A 351 -6.43 23.82 4.91
C ALA A 351 -7.82 23.71 4.27
N GLY A 352 -8.13 24.61 3.32
CA GLY A 352 -9.45 24.61 2.67
C GLY A 352 -9.74 23.34 1.86
N ALA A 353 -8.69 22.72 1.30
CA ALA A 353 -8.78 21.54 0.50
C ALA A 353 -9.06 20.33 1.40
N VAL A 354 -8.26 20.17 2.44
CA VAL A 354 -8.45 19.04 3.35
C VAL A 354 -9.81 19.17 4.07
N GLU A 355 -10.20 20.40 4.43
CA GLU A 355 -11.43 20.65 5.14
C GLU A 355 -12.64 20.47 4.23
N ALA A 356 -12.51 20.69 2.92
CA ALA A 356 -13.56 20.37 1.96
C ALA A 356 -13.78 18.87 1.90
N ILE A 357 -12.68 18.08 1.89
CA ILE A 357 -12.76 16.64 1.91
C ILE A 357 -13.44 16.18 3.21
N PHE A 358 -13.06 16.74 4.36
CA PHE A 358 -13.69 16.36 5.62
C PHE A 358 -15.18 16.70 5.69
N SER A 359 -15.59 17.81 5.06
CA SER A 359 -16.98 18.19 4.93
C SER A 359 -17.78 17.20 4.06
N VAL A 360 -17.21 16.76 2.93
CA VAL A 360 -17.82 15.79 2.02
C VAL A 360 -17.96 14.45 2.76
N LEU A 361 -16.93 14.06 3.52
CA LEU A 361 -17.00 12.81 4.30
C LEU A 361 -17.99 12.86 5.47
N ALA A 362 -18.14 14.01 6.14
CA ALA A 362 -19.21 14.22 7.13
C ALA A 362 -20.59 13.95 6.51
N LEU A 363 -20.79 14.36 5.25
CA LEU A 363 -21.99 14.06 4.47
C LEU A 363 -22.09 12.56 4.14
N ARG A 364 -20.98 11.95 3.69
CA ARG A 364 -21.01 10.54 3.33
C ARG A 364 -21.36 9.71 4.57
N ASP A 365 -20.73 10.02 5.72
CA ASP A 365 -20.78 9.18 6.90
C ASP A 365 -21.78 9.62 7.96
N GLN A 366 -22.47 10.77 7.79
CA GLN A 366 -23.46 11.25 8.75
C GLN A 366 -22.85 11.39 10.15
N VAL A 367 -21.70 12.08 10.21
CA VAL A 367 -20.94 12.25 11.43
C VAL A 367 -20.25 13.61 11.39
N ALA A 368 -20.42 14.40 12.47
CA ALA A 368 -19.69 15.63 12.69
C ALA A 368 -18.36 15.27 13.34
N PRO A 369 -17.19 15.60 12.72
CA PRO A 369 -15.88 15.48 13.34
C PRO A 369 -15.77 16.25 14.64
N PRO A 370 -14.95 15.82 15.64
CA PRO A 370 -14.78 16.59 16.87
C PRO A 370 -13.92 17.84 16.77
N THR A 371 -14.13 18.74 17.73
CA THR A 371 -13.12 19.71 18.11
C THR A 371 -12.44 19.13 19.35
N ILE A 372 -11.25 18.54 19.20
CA ILE A 372 -10.50 18.09 20.37
C ILE A 372 -9.91 19.30 21.11
N ASN A 373 -9.49 19.07 22.37
CA ASN A 373 -8.85 20.05 23.23
C ASN A 373 -9.78 21.14 23.74
N LEU A 374 -11.10 21.03 23.54
CA LEU A 374 -12.04 22.08 23.94
C LEU A 374 -12.47 21.79 25.38
N ASP A 375 -11.51 22.02 26.29
CA ASP A 375 -11.62 21.74 27.71
C ASP A 375 -12.52 22.77 28.40
N ASN A 376 -12.32 24.07 28.08
CA ASN A 376 -12.99 25.18 28.72
C ASN A 376 -13.37 26.15 27.61
N PRO A 377 -14.56 26.00 26.98
CA PRO A 377 -15.06 26.97 26.01
C PRO A 377 -15.04 28.39 26.55
N ASP A 378 -14.58 29.34 25.72
CA ASP A 378 -14.43 30.73 26.16
C ASP A 378 -15.81 31.37 26.20
N GLU A 379 -15.88 32.60 26.75
CA GLU A 379 -17.12 33.38 26.82
C GLU A 379 -17.74 33.47 25.43
N GLY A 380 -19.04 33.15 25.32
CA GLY A 380 -19.78 33.22 24.07
C GLY A 380 -19.68 31.98 23.18
N CYS A 381 -18.82 30.99 23.54
CA CYS A 381 -18.53 29.84 22.71
C CYS A 381 -19.44 28.70 23.17
N ASP A 382 -20.76 28.92 23.05
CA ASP A 382 -21.81 28.11 23.65
C ASP A 382 -22.62 27.36 22.58
N LEU A 383 -22.09 27.23 21.33
CA LEU A 383 -22.72 26.42 20.31
C LEU A 383 -22.35 24.97 20.51
N ASP A 384 -22.95 24.09 19.71
CA ASP A 384 -22.49 22.71 19.59
C ASP A 384 -21.21 22.72 18.75
N LEU A 385 -20.07 22.77 19.47
CA LEU A 385 -18.74 22.75 18.89
C LEU A 385 -18.14 21.35 18.85
N VAL A 386 -18.96 20.32 19.09
CA VAL A 386 -18.61 18.91 19.00
C VAL A 386 -17.34 18.68 19.82
N ALA A 387 -17.32 19.18 21.06
CA ALA A 387 -16.17 19.04 21.93
C ALA A 387 -15.78 17.55 22.08
N HIS A 388 -14.49 17.22 21.89
CA HIS A 388 -13.86 16.00 22.35
C HIS A 388 -14.12 14.78 21.46
N GLU A 389 -15.36 14.46 21.06
CA GLU A 389 -15.72 13.21 20.43
C GLU A 389 -16.60 13.47 19.22
N ALA A 390 -16.42 12.64 18.16
CA ALA A 390 -17.25 12.67 16.96
C ALA A 390 -18.72 12.49 17.32
N LYS A 391 -19.61 13.10 16.53
CA LYS A 391 -21.04 13.09 16.77
C LYS A 391 -21.76 12.58 15.52
N PRO A 392 -22.23 11.32 15.54
CA PRO A 392 -23.27 10.84 14.63
C PRO A 392 -24.49 11.75 14.67
N ARG A 393 -24.92 12.22 13.49
CA ARG A 393 -26.10 13.06 13.34
C ARG A 393 -26.48 13.14 11.86
N LYS A 394 -27.65 13.72 11.60
CA LYS A 394 -28.14 13.96 10.26
C LYS A 394 -27.38 15.17 9.68
N ILE A 395 -26.80 14.98 8.48
CA ILE A 395 -26.06 16.05 7.79
C ILE A 395 -26.46 15.99 6.31
N ASP A 396 -27.32 16.90 5.85
CA ASP A 396 -27.68 17.08 4.45
C ASP A 396 -26.79 18.13 3.76
N VAL A 397 -26.43 19.19 4.50
CA VAL A 397 -25.67 20.36 4.02
C VAL A 397 -24.50 20.59 4.98
N ALA A 398 -23.30 20.67 4.39
CA ALA A 398 -22.07 20.93 5.11
C ALA A 398 -21.41 22.20 4.52
N LEU A 399 -21.00 23.14 5.39
CA LEU A 399 -20.31 24.37 4.99
C LEU A 399 -18.87 24.30 5.46
N SER A 400 -17.90 24.78 4.64
CA SER A 400 -16.51 24.89 5.04
C SER A 400 -16.09 26.35 4.90
N ASN A 401 -15.54 26.95 5.97
CA ASN A 401 -15.05 28.31 6.01
C ASN A 401 -13.52 28.40 6.05
N SER A 402 -13.02 29.45 5.38
CA SER A 402 -11.61 29.81 5.42
C SER A 402 -11.50 31.34 5.39
N PHE A 403 -10.82 31.91 6.39
CA PHE A 403 -10.61 33.36 6.53
C PHE A 403 -9.11 33.57 6.64
N GLY A 404 -8.50 34.22 5.61
CA GLY A 404 -7.07 34.33 5.48
C GLY A 404 -6.55 35.73 5.80
N PHE A 405 -5.23 35.81 6.04
CA PHE A 405 -4.49 37.07 6.16
C PHE A 405 -4.87 38.00 5.02
N GLY A 406 -5.05 39.28 5.34
CA GLY A 406 -5.60 40.29 4.44
C GLY A 406 -7.12 40.41 4.52
N GLY A 407 -7.78 39.57 5.37
CA GLY A 407 -9.23 39.56 5.51
C GLY A 407 -9.94 38.97 4.31
N THR A 408 -9.32 37.99 3.64
CA THR A 408 -9.86 37.35 2.46
C THR A 408 -10.61 36.09 2.90
N ASN A 409 -11.90 36.03 2.57
CA ASN A 409 -12.83 35.07 3.10
C ASN A 409 -13.40 34.26 1.95
N GLY A 410 -13.64 32.95 2.22
CA GLY A 410 -14.21 32.01 1.28
C GLY A 410 -15.01 30.97 2.05
N THR A 411 -16.19 30.61 1.50
CA THR A 411 -17.05 29.57 2.07
C THR A 411 -17.46 28.64 0.92
N LEU A 412 -17.37 27.31 1.12
CA LEU A 412 -17.98 26.32 0.25
C LEU A 412 -19.15 25.64 0.94
N VAL A 413 -20.14 25.24 0.14
CA VAL A 413 -21.35 24.60 0.63
C VAL A 413 -21.48 23.33 -0.21
N PHE A 414 -21.51 22.18 0.47
CA PHE A 414 -21.73 20.88 -0.11
C PHE A 414 -23.06 20.32 0.39
N ARG A 415 -23.69 19.53 -0.47
CA ARG A 415 -25.00 18.94 -0.17
C ARG A 415 -24.94 17.46 -0.50
N ARG A 416 -25.68 16.61 0.26
CA ARG A 416 -25.86 15.24 -0.19
C ARG A 416 -26.57 15.26 -1.55
N PHE A 417 -26.14 14.38 -2.45
CA PHE A 417 -26.59 14.39 -3.84
C PHE A 417 -27.89 13.56 -4.03
N ALA A 418 -28.92 14.17 -4.65
CA ALA A 418 -30.05 13.49 -5.28
C ALA A 418 -30.17 13.84 -6.77
N ARG B 9 -2.38 -45.36 1.44
CA ARG B 9 -0.94 -45.64 1.15
C ARG B 9 -0.07 -44.50 1.72
N ARG B 10 1.17 -44.84 2.12
CA ARG B 10 2.10 -43.86 2.65
C ARG B 10 2.88 -43.22 1.50
N VAL B 11 3.25 -41.95 1.71
CA VAL B 11 3.88 -41.10 0.71
C VAL B 11 5.19 -40.57 1.30
N VAL B 12 6.30 -40.81 0.58
CA VAL B 12 7.60 -40.34 0.99
C VAL B 12 8.21 -39.49 -0.12
N ILE B 13 9.21 -38.69 0.30
CA ILE B 13 9.95 -37.82 -0.60
C ILE B 13 11.26 -38.51 -0.95
N THR B 14 11.49 -38.78 -2.24
CA THR B 14 12.66 -39.52 -2.71
C THR B 14 13.56 -38.66 -3.60
N GLY B 15 13.14 -37.45 -3.98
CA GLY B 15 13.97 -36.63 -4.86
C GLY B 15 13.53 -35.19 -4.73
N MET B 16 14.47 -34.26 -4.88
CA MET B 16 14.16 -32.83 -4.80
C MET B 16 14.97 -32.07 -5.84
N GLY B 17 14.42 -30.92 -6.30
CA GLY B 17 15.09 -30.04 -7.26
C GLY B 17 14.63 -28.60 -7.10
N MET B 18 15.49 -27.65 -7.47
CA MET B 18 15.25 -26.27 -7.13
C MET B 18 16.06 -25.34 -8.02
N LEU B 19 15.45 -24.21 -8.37
CA LEU B 19 16.12 -22.97 -8.67
C LEU B 19 15.61 -21.95 -7.67
N SER B 20 16.53 -21.20 -7.02
CA SER B 20 16.14 -20.15 -6.11
C SER B 20 17.05 -18.94 -6.25
N PRO B 21 16.70 -17.80 -5.63
CA PRO B 21 17.66 -16.70 -5.50
C PRO B 21 18.99 -16.99 -4.75
N LEU B 22 19.06 -18.12 -4.03
CA LEU B 22 20.24 -18.60 -3.33
C LEU B 22 21.05 -19.64 -4.08
N GLY B 23 20.61 -20.15 -5.22
CA GLY B 23 21.35 -21.21 -5.88
C GLY B 23 20.58 -21.85 -7.02
N LEU B 24 21.37 -22.57 -7.84
CA LEU B 24 20.90 -23.24 -9.05
C LEU B 24 20.55 -24.71 -8.81
N ASP B 25 20.56 -25.14 -7.55
CA ASP B 25 20.14 -26.47 -7.15
C ASP B 25 19.75 -26.44 -5.68
N VAL B 26 19.37 -27.59 -5.14
CA VAL B 26 19.02 -27.69 -3.73
C VAL B 26 20.24 -27.48 -2.82
N PRO B 27 21.37 -28.23 -2.95
N PRO B 27 21.40 -28.17 -2.99
CA PRO B 27 22.49 -28.08 -2.00
CA PRO B 27 22.50 -28.07 -2.02
C PRO B 27 23.05 -26.66 -1.84
C PRO B 27 23.07 -26.67 -1.84
N SER B 28 23.22 -25.94 -2.96
CA SER B 28 23.64 -24.54 -2.96
C SER B 28 22.62 -23.63 -2.29
N SER B 29 21.32 -23.80 -2.63
CA SER B 29 20.28 -23.03 -1.96
C SER B 29 20.26 -23.27 -0.43
N TRP B 30 20.34 -24.54 0.01
CA TRP B 30 20.25 -24.88 1.43
C TRP B 30 21.47 -24.37 2.22
N GLU B 31 22.65 -24.38 1.59
CA GLU B 31 23.87 -23.80 2.16
C GLU B 31 23.64 -22.31 2.42
N GLY B 32 23.08 -21.58 1.44
CA GLY B 32 22.68 -20.19 1.64
C GLY B 32 21.71 -20.00 2.81
N ILE B 33 20.67 -20.83 2.87
CA ILE B 33 19.66 -20.77 3.93
C ILE B 33 20.32 -20.91 5.32
N LEU B 34 21.11 -21.96 5.53
CA LEU B 34 21.77 -22.21 6.82
C LEU B 34 22.79 -21.11 7.21
N ALA B 35 23.37 -20.41 6.22
CA ALA B 35 24.32 -19.33 6.48
C ALA B 35 23.63 -17.98 6.67
N GLY B 36 22.29 -17.89 6.56
CA GLY B 36 21.63 -16.59 6.69
C GLY B 36 21.93 -15.65 5.52
N ARG B 37 22.18 -16.17 4.31
CA ARG B 37 22.52 -15.37 3.13
CA ARG B 37 22.52 -15.32 3.16
C ARG B 37 21.23 -14.84 2.49
N SER B 38 21.23 -13.57 2.03
CA SER B 38 20.16 -13.01 1.24
C SER B 38 20.43 -13.35 -0.23
N GLY B 39 19.36 -13.68 -0.98
CA GLY B 39 19.40 -13.76 -2.41
C GLY B 39 18.85 -12.51 -3.14
N ILE B 40 18.63 -11.41 -2.43
CA ILE B 40 17.88 -10.26 -2.90
C ILE B 40 18.91 -9.22 -3.38
N ALA B 41 18.67 -8.68 -4.56
CA ALA B 41 19.56 -7.69 -5.15
C ALA B 41 18.76 -6.77 -6.06
N PRO B 42 19.33 -5.59 -6.46
CA PRO B 42 18.78 -4.83 -7.58
C PRO B 42 18.62 -5.69 -8.83
N ILE B 43 17.47 -5.55 -9.52
CA ILE B 43 17.17 -6.33 -10.70
C ILE B 43 18.03 -5.80 -11.85
N GLU B 44 18.67 -6.73 -12.59
CA GLU B 44 19.65 -6.41 -13.63
C GLU B 44 19.04 -6.52 -15.03
N HIS B 45 18.02 -7.38 -15.23
CA HIS B 45 17.51 -7.75 -16.53
C HIS B 45 16.49 -6.75 -17.09
N MET B 46 16.13 -5.70 -16.35
CA MET B 46 15.31 -4.63 -16.89
C MET B 46 15.65 -3.32 -16.16
N ASP B 47 15.24 -2.22 -16.78
CA ASP B 47 15.47 -0.87 -16.27
C ASP B 47 14.26 -0.51 -15.43
N LEU B 48 14.42 -0.48 -14.10
CA LEU B 48 13.36 -0.18 -13.16
C LEU B 48 13.47 1.22 -12.54
N SER B 49 14.19 2.17 -13.18
CA SER B 49 14.47 3.47 -12.57
C SER B 49 13.19 4.30 -12.31
N ALA B 50 12.10 4.07 -13.04
CA ALA B 50 10.77 4.65 -12.82
C ALA B 50 9.80 3.81 -11.97
N TYR B 51 10.25 2.74 -11.29
CA TYR B 51 9.41 1.91 -10.42
C TYR B 51 9.77 2.26 -8.97
N SER B 52 8.81 2.04 -8.05
CA SER B 52 9.00 2.21 -6.61
C SER B 52 9.79 1.07 -5.97
N THR B 53 9.82 -0.13 -6.61
CA THR B 53 10.60 -1.28 -6.16
C THR B 53 11.54 -1.68 -7.30
N ARG B 54 12.86 -1.73 -7.01
CA ARG B 54 13.88 -1.92 -8.05
C ARG B 54 14.76 -3.12 -7.78
N PHE B 55 14.27 -4.03 -6.91
CA PHE B 55 15.07 -5.13 -6.41
C PHE B 55 14.14 -6.33 -6.27
N GLY B 56 14.76 -7.50 -6.17
CA GLY B 56 13.99 -8.74 -5.98
C GLY B 56 14.94 -9.93 -5.89
N GLY B 57 14.37 -11.15 -5.91
CA GLY B 57 15.15 -12.37 -5.86
C GLY B 57 15.18 -13.01 -7.24
N SER B 58 16.25 -12.76 -8.00
CA SER B 58 16.46 -13.31 -9.31
C SER B 58 17.20 -14.64 -9.18
N VAL B 59 16.98 -15.54 -10.15
CA VAL B 59 17.83 -16.69 -10.37
C VAL B 59 19.07 -16.17 -11.12
N LYS B 60 20.26 -16.42 -10.55
CA LYS B 60 21.52 -15.90 -11.09
C LYS B 60 22.24 -16.98 -11.87
N GLY B 61 22.57 -16.70 -13.14
CA GLY B 61 23.43 -17.59 -13.92
C GLY B 61 22.73 -18.87 -14.37
N PHE B 62 21.39 -18.86 -14.53
CA PHE B 62 20.70 -20.05 -15.01
C PHE B 62 21.11 -20.34 -16.45
N ASN B 63 21.46 -21.60 -16.78
CA ASN B 63 21.69 -22.05 -18.14
C ASN B 63 20.68 -23.13 -18.51
N VAL B 64 19.65 -22.74 -19.27
CA VAL B 64 18.64 -23.67 -19.77
C VAL B 64 19.25 -24.82 -20.60
N GLU B 65 20.37 -24.58 -21.28
CA GLU B 65 21.05 -25.56 -22.10
C GLU B 65 21.62 -26.76 -21.37
N GLU B 66 21.77 -26.70 -20.03
CA GLU B 66 21.95 -27.89 -19.21
C GLU B 66 20.75 -28.84 -19.25
N TYR B 67 19.53 -28.36 -19.58
CA TYR B 67 18.28 -29.11 -19.51
C TYR B 67 17.68 -29.37 -20.90
N LEU B 68 17.67 -28.36 -21.78
CA LEU B 68 16.97 -28.40 -23.05
C LEU B 68 17.94 -27.88 -24.13
N SER B 69 17.73 -28.29 -25.38
CA SER B 69 18.30 -27.57 -26.53
C SER B 69 17.86 -26.09 -26.56
N ALA B 70 18.70 -25.22 -27.15
CA ALA B 70 18.33 -23.82 -27.41
C ALA B 70 17.06 -23.71 -28.24
N LYS B 71 16.82 -24.66 -29.17
CA LYS B 71 15.62 -24.70 -29.99
C LYS B 71 14.37 -24.84 -29.11
N GLU B 72 14.32 -25.90 -28.28
CA GLU B 72 13.18 -26.18 -27.40
C GLU B 72 12.96 -25.04 -26.41
N ALA B 73 14.04 -24.54 -25.79
CA ALA B 73 13.98 -23.50 -24.78
C ALA B 73 13.39 -22.17 -25.30
N ARG B 74 13.71 -21.72 -26.53
CA ARG B 74 13.19 -20.47 -27.12
C ARG B 74 11.66 -20.49 -27.35
N LYS B 75 11.03 -21.66 -27.36
CA LYS B 75 9.58 -21.85 -27.40
C LYS B 75 8.89 -21.65 -26.04
N LEU B 76 9.62 -21.53 -24.90
CA LEU B 76 9.05 -21.64 -23.56
C LEU B 76 9.38 -20.39 -22.74
N ASP B 77 8.36 -19.84 -22.09
CA ASP B 77 8.54 -18.85 -21.06
C ASP B 77 9.49 -19.35 -19.98
N LEU B 78 10.21 -18.37 -19.37
CA LEU B 78 11.13 -18.62 -18.29
C LEU B 78 10.49 -19.43 -17.13
N PHE B 79 9.22 -19.20 -16.80
CA PHE B 79 8.58 -19.95 -15.70
C PHE B 79 8.55 -21.43 -16.07
N ILE B 80 8.38 -21.79 -17.36
CA ILE B 80 8.37 -23.19 -17.77
C ILE B 80 9.79 -23.74 -17.71
N GLN B 81 10.75 -22.97 -18.24
CA GLN B 81 12.15 -23.37 -18.15
C GLN B 81 12.58 -23.67 -16.73
N TYR B 82 12.21 -22.78 -15.79
CA TYR B 82 12.53 -22.96 -14.37
C TYR B 82 11.85 -24.22 -13.79
N GLY B 83 10.56 -24.41 -14.13
CA GLY B 83 9.82 -25.59 -13.67
C GLY B 83 10.44 -26.91 -14.14
N LEU B 84 10.84 -26.94 -15.43
CA LEU B 84 11.45 -28.11 -16.01
C LEU B 84 12.81 -28.38 -15.36
N ALA B 85 13.62 -27.33 -15.13
CA ALA B 85 14.92 -27.49 -14.47
C ALA B 85 14.79 -28.16 -13.09
N ALA B 86 13.87 -27.63 -12.26
CA ALA B 86 13.60 -28.21 -10.93
C ALA B 86 13.09 -29.65 -11.04
N SER B 87 12.20 -29.94 -12.00
CA SER B 87 11.62 -31.28 -12.17
C SER B 87 12.67 -32.30 -12.62
N PHE B 88 13.50 -31.91 -13.61
CA PHE B 88 14.61 -32.76 -14.05
C PHE B 88 15.59 -33.06 -12.93
N GLN B 89 15.92 -32.07 -12.10
CA GLN B 89 16.80 -32.27 -10.95
C GLN B 89 16.18 -33.26 -9.96
N ALA B 90 14.86 -33.10 -9.68
CA ALA B 90 14.17 -33.99 -8.74
C ALA B 90 14.14 -35.44 -9.23
N VAL B 91 13.79 -35.67 -10.51
CA VAL B 91 13.72 -36.99 -11.09
C VAL B 91 15.13 -37.63 -11.05
N ARG B 92 16.16 -36.89 -11.49
CA ARG B 92 17.55 -37.34 -11.38
C ARG B 92 17.93 -37.71 -9.94
N ASP B 93 17.61 -36.83 -8.98
CA ASP B 93 17.88 -37.01 -7.55
C ASP B 93 17.18 -38.25 -6.99
N SER B 94 15.98 -38.59 -7.52
CA SER B 94 15.22 -39.75 -7.07
C SER B 94 15.88 -41.07 -7.46
N GLY B 95 16.63 -41.10 -8.58
CA GLY B 95 17.19 -42.32 -9.13
C GLY B 95 16.18 -43.21 -9.86
N LEU B 96 14.92 -42.75 -10.06
CA LEU B 96 13.88 -43.57 -10.66
C LEU B 96 14.19 -43.80 -12.14
N GLU B 97 14.02 -45.05 -12.59
CA GLU B 97 14.08 -45.42 -13.99
C GLU B 97 12.64 -45.55 -14.46
N VAL B 98 12.26 -44.75 -15.47
CA VAL B 98 10.94 -44.77 -16.08
C VAL B 98 10.98 -45.88 -17.14
N THR B 99 9.98 -46.78 -17.13
CA THR B 99 9.86 -47.91 -18.05
C THR B 99 8.40 -48.00 -18.50
N ASP B 100 8.13 -48.92 -19.45
CA ASP B 100 6.78 -49.31 -19.84
C ASP B 100 5.99 -49.93 -18.68
N ALA B 101 6.66 -50.60 -17.73
CA ALA B 101 5.99 -51.21 -16.59
C ALA B 101 5.52 -50.16 -15.58
N ASN B 102 6.09 -48.94 -15.53
CA ASN B 102 5.72 -47.96 -14.52
C ASN B 102 5.24 -46.60 -15.07
N ARG B 103 5.43 -46.30 -16.37
CA ARG B 103 5.22 -44.98 -16.92
C ARG B 103 3.74 -44.52 -16.78
N GLU B 104 2.79 -45.47 -16.78
CA GLU B 104 1.39 -45.11 -16.54
C GLU B 104 1.12 -44.71 -15.09
N ARG B 105 2.05 -45.04 -14.14
CA ARG B 105 1.90 -44.77 -12.72
C ARG B 105 2.71 -43.58 -12.24
N ILE B 106 3.30 -42.81 -13.18
CA ILE B 106 4.11 -41.64 -12.85
C ILE B 106 3.43 -40.45 -13.49
N GLY B 107 3.07 -39.48 -12.65
CA GLY B 107 2.41 -38.26 -13.10
C GLY B 107 3.15 -37.01 -12.64
N VAL B 108 2.48 -35.86 -12.89
CA VAL B 108 3.09 -34.59 -12.67
C VAL B 108 2.03 -33.56 -12.28
N SER B 109 2.34 -32.77 -11.23
CA SER B 109 1.55 -31.63 -10.81
C SER B 109 2.48 -30.46 -10.50
N MET B 110 2.90 -29.73 -11.51
CA MET B 110 3.69 -28.51 -11.38
C MET B 110 2.80 -27.32 -11.74
N GLY B 111 2.69 -26.34 -10.84
CA GLY B 111 1.81 -25.19 -10.98
C GLY B 111 2.61 -23.89 -11.05
N SER B 112 1.85 -22.82 -11.21
CA SER B 112 2.37 -21.47 -11.19
C SER B 112 1.29 -20.50 -10.72
N GLY B 113 1.70 -19.39 -10.11
CA GLY B 113 0.81 -18.34 -9.67
C GLY B 113 0.26 -17.53 -10.86
N ILE B 114 1.20 -17.03 -11.66
CA ILE B 114 0.94 -16.05 -12.72
C ILE B 114 1.30 -16.61 -14.09
N GLY B 115 2.27 -17.55 -14.18
CA GLY B 115 2.56 -18.20 -15.44
C GLY B 115 3.38 -17.26 -16.32
N GLY B 116 3.10 -17.23 -17.63
CA GLY B 116 4.02 -16.68 -18.62
C GLY B 116 3.80 -15.18 -18.90
N LEU B 117 3.91 -14.36 -17.86
CA LEU B 117 3.71 -12.91 -17.92
C LEU B 117 4.74 -12.23 -18.82
N THR B 118 6.02 -12.64 -18.75
CA THR B 118 7.07 -12.09 -19.62
C THR B 118 6.70 -12.35 -21.08
N ASN B 119 6.38 -13.61 -21.40
CA ASN B 119 5.99 -13.96 -22.76
C ASN B 119 4.76 -13.19 -23.20
N ILE B 120 3.79 -13.06 -22.27
CA ILE B 120 2.57 -12.32 -22.61
C ILE B 120 2.89 -10.84 -22.92
N GLU B 121 3.72 -10.23 -22.07
CA GLU B 121 4.15 -8.84 -22.25
C GLU B 121 4.87 -8.65 -23.58
N ASN B 122 5.84 -9.52 -23.94
CA ASN B 122 6.55 -9.46 -25.23
C ASN B 122 5.65 -9.69 -26.43
N ASN B 123 4.74 -10.67 -26.39
CA ASN B 123 3.77 -10.86 -27.48
C ASN B 123 2.79 -9.69 -27.61
N CYS B 124 2.38 -9.08 -26.48
CA CYS B 124 1.57 -7.87 -26.45
C CYS B 124 2.21 -6.70 -27.17
N ARG B 125 3.52 -6.52 -26.96
CA ARG B 125 4.29 -5.48 -27.63
C ARG B 125 4.27 -5.71 -29.15
N SER B 126 4.57 -6.94 -29.62
CA SER B 126 4.46 -7.29 -31.04
C SER B 126 3.05 -7.04 -31.60
N LEU B 127 2.00 -7.46 -30.88
CA LEU B 127 0.60 -7.26 -31.24
C LEU B 127 0.27 -5.76 -31.46
N PHE B 128 0.68 -4.89 -30.56
CA PHE B 128 0.28 -3.47 -30.59
C PHE B 128 1.06 -2.68 -31.63
N GLU B 129 2.36 -3.00 -31.79
CA GLU B 129 3.23 -2.37 -32.76
C GLU B 129 2.89 -2.80 -34.18
N GLN B 130 2.70 -4.12 -34.40
CA GLN B 130 2.72 -4.73 -35.72
C GLN B 130 1.53 -5.63 -36.03
N GLY B 131 0.54 -5.81 -35.11
CA GLY B 131 -0.64 -6.61 -35.38
C GLY B 131 -0.45 -8.12 -35.13
N PRO B 132 -1.54 -8.91 -35.27
CA PRO B 132 -1.57 -10.30 -34.78
C PRO B 132 -0.67 -11.34 -35.43
N ARG B 133 -0.24 -11.11 -36.67
CA ARG B 133 0.71 -11.99 -37.36
C ARG B 133 2.12 -11.94 -36.79
N ARG B 134 2.48 -10.97 -35.92
CA ARG B 134 3.75 -11.01 -35.21
C ARG B 134 3.69 -11.87 -33.93
N ILE B 135 2.51 -12.38 -33.51
CA ILE B 135 2.44 -13.27 -32.36
C ILE B 135 3.12 -14.57 -32.71
N SER B 136 3.90 -15.13 -31.76
CA SER B 136 4.61 -16.38 -31.99
C SER B 136 3.59 -17.51 -32.15
N PRO B 137 3.77 -18.47 -33.10
CA PRO B 137 3.08 -19.76 -33.06
C PRO B 137 3.19 -20.57 -31.77
N PHE B 138 4.29 -20.38 -31.00
CA PHE B 138 4.48 -21.03 -29.70
C PHE B 138 3.93 -20.20 -28.53
N PHE B 139 3.27 -19.06 -28.77
CA PHE B 139 2.79 -18.19 -27.72
C PHE B 139 1.91 -18.98 -26.72
N VAL B 140 0.88 -19.70 -27.22
CA VAL B 140 -0.06 -20.39 -26.33
C VAL B 140 0.66 -21.54 -25.60
N PRO B 141 1.26 -22.54 -26.30
CA PRO B 141 1.88 -23.68 -25.59
C PRO B 141 3.10 -23.29 -24.75
N GLY B 142 3.77 -22.19 -25.08
CA GLY B 142 4.92 -21.73 -24.31
C GLY B 142 4.61 -20.79 -23.15
N SER B 143 3.34 -20.43 -22.92
CA SER B 143 2.93 -19.49 -21.89
C SER B 143 1.96 -20.07 -20.86
N ILE B 144 1.15 -21.08 -21.22
CA ILE B 144 0.06 -21.53 -20.35
C ILE B 144 0.67 -22.39 -19.22
N ILE B 145 0.02 -22.30 -18.04
CA ILE B 145 0.58 -22.80 -16.79
C ILE B 145 0.76 -24.32 -16.78
N ASN B 146 -0.10 -25.09 -17.47
CA ASN B 146 0.00 -26.55 -17.49
C ASN B 146 1.11 -27.08 -18.39
N MET B 147 1.88 -26.23 -19.08
CA MET B 147 2.94 -26.70 -19.96
C MET B 147 4.22 -27.14 -19.21
N VAL B 148 4.40 -26.89 -17.89
CA VAL B 148 5.47 -27.55 -17.13
C VAL B 148 5.13 -29.04 -16.96
N SER B 149 3.90 -29.33 -16.48
CA SER B 149 3.40 -30.69 -16.44
C SER B 149 3.39 -31.35 -17.83
N GLY B 150 2.92 -30.60 -18.86
CA GLY B 150 2.85 -31.12 -20.21
C GLY B 150 4.25 -31.48 -20.74
N PHE B 151 5.17 -30.49 -20.82
CA PHE B 151 6.49 -30.72 -21.39
CA PHE B 151 6.51 -30.70 -21.37
C PHE B 151 7.29 -31.76 -20.59
N LEU B 152 7.16 -31.78 -19.26
CA LEU B 152 7.87 -32.74 -18.42
C LEU B 152 7.44 -34.16 -18.79
N SER B 153 6.13 -34.38 -18.85
CA SER B 153 5.58 -35.67 -19.22
C SER B 153 6.03 -36.12 -20.61
N ILE B 154 6.15 -35.19 -21.56
CA ILE B 154 6.60 -35.50 -22.92
C ILE B 154 8.09 -35.92 -22.91
N HIS B 155 8.97 -35.11 -22.29
CA HIS B 155 10.39 -35.38 -22.27
CA HIS B 155 10.41 -35.37 -22.26
C HIS B 155 10.73 -36.70 -21.56
N LEU B 156 10.06 -37.02 -20.43
CA LEU B 156 10.33 -38.21 -19.65
C LEU B 156 9.37 -39.36 -19.91
N GLY B 157 8.32 -39.18 -20.75
CA GLY B 157 7.40 -40.27 -21.02
C GLY B 157 6.52 -40.64 -19.82
N LEU B 158 6.04 -39.65 -19.04
CA LEU B 158 5.20 -39.86 -17.85
C LEU B 158 3.73 -39.84 -18.27
N GLN B 159 3.00 -40.94 -18.06
CA GLN B 159 1.63 -41.05 -18.59
C GLN B 159 0.59 -41.07 -17.49
N GLY B 160 1.00 -40.83 -16.22
CA GLY B 160 0.07 -40.76 -15.11
C GLY B 160 -0.66 -39.42 -15.05
N PRO B 161 -1.41 -39.14 -13.94
CA PRO B 161 -2.18 -37.91 -13.78
C PRO B 161 -1.30 -36.67 -14.06
N ASN B 162 -1.86 -35.73 -14.82
CA ASN B 162 -1.13 -34.65 -15.46
C ASN B 162 -1.99 -33.39 -15.27
N TYR B 163 -1.60 -32.49 -14.35
CA TYR B 163 -2.38 -31.29 -14.12
C TYR B 163 -1.51 -30.18 -13.53
N ALA B 164 -2.13 -29.03 -13.26
CA ALA B 164 -1.47 -27.85 -12.74
C ALA B 164 -2.46 -27.04 -11.90
N LEU B 165 -2.00 -26.59 -10.73
CA LEU B 165 -2.67 -25.70 -9.79
C LEU B 165 -2.21 -24.27 -10.06
N THR B 166 -3.09 -23.33 -9.75
CA THR B 166 -2.75 -21.90 -9.81
C THR B 166 -3.49 -21.24 -8.66
N THR B 167 -2.81 -21.17 -7.49
CA THR B 167 -3.43 -20.63 -6.30
C THR B 167 -2.50 -19.65 -5.60
N ALA B 168 -1.90 -18.74 -6.41
CA ALA B 168 -1.10 -17.65 -5.91
C ALA B 168 0.02 -18.20 -5.05
N ALA B 169 0.24 -17.68 -3.83
CA ALA B 169 1.29 -18.19 -2.96
C ALA B 169 1.07 -19.62 -2.48
N THR B 170 -0.15 -20.17 -2.64
CA THR B 170 -0.44 -21.52 -2.13
C THR B 170 -0.14 -22.59 -3.19
N THR B 171 0.24 -22.22 -4.44
CA THR B 171 0.33 -23.10 -5.60
C THR B 171 1.19 -24.32 -5.29
N GLY B 172 2.40 -24.09 -4.81
CA GLY B 172 3.31 -25.18 -4.59
C GLY B 172 2.87 -26.12 -3.48
N THR B 173 2.19 -25.59 -2.44
CA THR B 173 1.70 -26.37 -1.32
C THR B 173 0.54 -27.25 -1.78
N HIS B 174 -0.44 -26.64 -2.46
CA HIS B 174 -1.53 -27.38 -3.09
C HIS B 174 -1.04 -28.42 -4.08
N SER B 175 -0.03 -28.07 -4.93
CA SER B 175 0.47 -28.99 -5.93
C SER B 175 1.00 -30.26 -5.28
N ILE B 176 1.78 -30.12 -4.21
CA ILE B 176 2.41 -31.23 -3.52
C ILE B 176 1.33 -32.03 -2.76
N GLY B 177 0.45 -31.35 -2.02
CA GLY B 177 -0.62 -32.02 -1.27
C GLY B 177 -1.56 -32.86 -2.14
N MET B 178 -1.95 -32.30 -3.28
CA MET B 178 -2.86 -33.00 -4.19
C MET B 178 -2.18 -34.15 -4.94
N ALA B 179 -0.88 -34.00 -5.24
CA ALA B 179 -0.11 -35.09 -5.77
C ALA B 179 -0.01 -36.25 -4.76
N ALA B 180 0.20 -35.92 -3.48
CA ALA B 180 0.25 -36.91 -2.41
C ALA B 180 -1.09 -37.65 -2.30
N ARG B 181 -2.20 -36.93 -2.43
CA ARG B 181 -3.54 -37.53 -2.53
C ARG B 181 -3.67 -38.55 -3.66
N ASN B 182 -3.11 -38.26 -4.84
CA ASN B 182 -3.13 -39.18 -5.98
C ASN B 182 -2.43 -40.50 -5.67
N ILE B 183 -1.28 -40.42 -4.98
CA ILE B 183 -0.54 -41.60 -4.64
C ILE B 183 -1.26 -42.39 -3.54
N ALA B 184 -1.70 -41.70 -2.47
CA ALA B 184 -2.48 -42.29 -1.38
C ALA B 184 -3.72 -43.05 -1.87
N TYR B 185 -4.41 -42.54 -2.90
CA TYR B 185 -5.66 -43.13 -3.36
C TYR B 185 -5.40 -44.18 -4.45
N GLY B 186 -4.17 -44.44 -4.93
CA GLY B 186 -3.89 -45.47 -5.92
C GLY B 186 -3.94 -45.01 -7.39
N GLU B 187 -4.12 -43.71 -7.67
CA GLU B 187 -4.12 -43.18 -9.04
C GLU B 187 -2.69 -43.04 -9.58
N ALA B 188 -1.70 -43.05 -8.70
CA ALA B 188 -0.32 -43.02 -9.16
C ALA B 188 0.53 -43.67 -8.08
N ASP B 189 1.73 -44.13 -8.48
CA ASP B 189 2.77 -44.55 -7.55
C ASP B 189 3.81 -43.47 -7.32
N VAL B 190 4.04 -42.61 -8.33
CA VAL B 190 5.02 -41.54 -8.25
C VAL B 190 4.37 -40.27 -8.80
N MET B 191 4.69 -39.12 -8.20
CA MET B 191 4.30 -37.82 -8.76
C MET B 191 5.47 -36.87 -8.63
N VAL B 192 5.71 -36.11 -9.71
CA VAL B 192 6.60 -34.96 -9.64
C VAL B 192 5.74 -33.73 -9.38
N ALA B 193 5.99 -33.00 -8.27
CA ALA B 193 5.09 -31.97 -7.83
C ALA B 193 5.86 -30.76 -7.28
N GLY B 194 5.23 -29.58 -7.45
CA GLY B 194 5.76 -28.32 -6.94
C GLY B 194 5.29 -27.15 -7.78
N GLY B 195 6.19 -26.16 -7.98
CA GLY B 195 5.80 -24.98 -8.74
C GLY B 195 6.96 -24.14 -9.20
N SER B 196 6.64 -23.17 -10.07
CA SER B 196 7.62 -22.26 -10.66
C SER B 196 6.98 -20.90 -10.90
N GLU B 197 7.86 -19.88 -10.86
CA GLU B 197 7.41 -18.50 -11.08
C GLU B 197 8.55 -17.66 -11.64
N MET B 198 8.18 -16.80 -12.60
CA MET B 198 9.02 -15.71 -13.09
CA MET B 198 9.03 -15.68 -13.04
C MET B 198 8.08 -14.54 -13.40
N ALA B 199 7.69 -13.78 -12.37
CA ALA B 199 6.82 -12.63 -12.51
C ALA B 199 7.62 -11.32 -12.60
N ALA B 200 8.96 -11.34 -12.69
CA ALA B 200 9.76 -10.11 -12.70
C ALA B 200 9.82 -9.59 -14.13
N CYS B 201 8.70 -9.04 -14.59
CA CYS B 201 8.57 -8.19 -15.74
C CYS B 201 7.88 -6.92 -15.26
N GLY B 202 7.73 -5.94 -16.17
CA GLY B 202 7.05 -4.68 -15.88
C GLY B 202 5.65 -4.89 -15.34
N LEU B 203 4.89 -5.80 -15.97
CA LEU B 203 3.55 -6.11 -15.46
C LEU B 203 3.54 -6.67 -14.04
N GLY B 204 4.53 -7.51 -13.69
CA GLY B 204 4.55 -8.14 -12.36
C GLY B 204 4.94 -7.16 -11.27
N LEU B 205 6.12 -6.54 -11.42
CA LEU B 205 6.58 -5.49 -10.51
C LEU B 205 5.62 -4.31 -10.44
N GLY B 206 5.11 -3.90 -11.61
CA GLY B 206 4.16 -2.81 -11.69
C GLY B 206 2.82 -3.18 -11.05
N GLY B 207 2.34 -4.40 -11.28
CA GLY B 207 1.07 -4.86 -10.72
C GLY B 207 1.09 -4.99 -9.21
N PHE B 208 2.14 -5.63 -8.68
CA PHE B 208 2.28 -5.74 -7.22
C PHE B 208 2.60 -4.39 -6.60
N GLY B 209 3.37 -3.54 -7.30
CA GLY B 209 3.60 -2.17 -6.89
C GLY B 209 2.33 -1.32 -6.87
N ALA B 210 1.47 -1.48 -7.89
CA ALA B 210 0.18 -0.77 -7.96
C ALA B 210 -0.74 -1.16 -6.79
N ALA B 211 -0.70 -2.43 -6.33
CA ALA B 211 -1.40 -2.88 -5.13
C ALA B 211 -0.72 -2.49 -3.81
N ARG B 212 0.45 -1.81 -3.84
CA ARG B 212 1.23 -1.44 -2.66
C ARG B 212 1.65 -2.68 -1.86
N ALA B 213 1.88 -3.82 -2.52
CA ALA B 213 2.17 -5.08 -1.84
C ALA B 213 3.66 -5.26 -1.55
N LEU B 214 4.54 -4.49 -2.23
CA LEU B 214 5.97 -4.73 -2.23
C LEU B 214 6.67 -3.82 -1.24
N SER B 215 7.75 -4.34 -0.61
CA SER B 215 8.74 -3.50 0.04
C SER B 215 9.35 -2.51 -0.98
N THR B 216 9.53 -1.26 -0.53
CA THR B 216 10.19 -0.21 -1.32
C THR B 216 11.54 0.18 -0.70
N ARG B 217 12.25 -0.75 -0.05
CA ARG B 217 13.49 -0.44 0.68
C ARG B 217 14.66 -0.64 -0.28
N ASN B 218 14.71 0.22 -1.31
CA ASN B 218 15.65 0.12 -2.41
C ASN B 218 17.10 0.36 -1.98
N ASP B 219 17.28 1.16 -0.92
CA ASP B 219 18.59 1.50 -0.35
C ASP B 219 19.27 0.28 0.30
N GLU B 220 18.50 -0.70 0.82
CA GLU B 220 19.08 -1.87 1.47
C GLU B 220 18.27 -3.11 1.06
N PRO B 221 18.37 -3.61 -0.21
CA PRO B 221 17.55 -4.74 -0.66
C PRO B 221 17.65 -6.00 0.22
N THR B 222 18.83 -6.28 0.82
CA THR B 222 19.02 -7.50 1.62
C THR B 222 18.28 -7.42 2.97
N ARG B 223 17.89 -6.21 3.41
CA ARG B 223 17.17 -5.95 4.65
C ARG B 223 15.66 -5.73 4.42
N ALA B 224 15.19 -5.78 3.16
CA ALA B 224 13.80 -5.45 2.85
C ALA B 224 12.85 -6.51 3.43
N SER B 225 13.16 -7.79 3.18
CA SER B 225 12.35 -8.91 3.63
C SER B 225 12.69 -9.18 5.09
N ARG B 226 11.74 -8.85 5.98
CA ARG B 226 11.98 -8.81 7.42
C ARG B 226 10.71 -9.29 8.11
N PRO B 227 10.35 -10.59 7.97
CA PRO B 227 9.11 -11.10 8.57
C PRO B 227 9.02 -10.90 10.09
N TRP B 228 7.88 -10.40 10.59
CA TRP B 228 7.62 -10.12 12.02
C TRP B 228 8.39 -8.94 12.58
N ASP B 229 9.20 -8.23 11.78
CA ASP B 229 9.94 -7.08 12.25
C ASP B 229 9.02 -5.87 12.18
N ARG B 230 9.13 -4.98 13.15
CA ARG B 230 8.27 -3.81 13.25
C ARG B 230 8.39 -2.83 12.09
N ASP B 231 9.46 -2.88 11.30
CA ASP B 231 9.67 -2.00 10.14
C ASP B 231 9.42 -2.69 8.80
N ARG B 232 8.79 -3.88 8.78
CA ARG B 232 8.38 -4.52 7.54
C ARG B 232 7.43 -3.62 6.73
N ASP B 233 7.49 -3.70 5.41
CA ASP B 233 6.71 -2.81 4.52
C ASP B 233 6.25 -3.54 3.25
N GLY B 234 6.07 -4.86 3.26
CA GLY B 234 5.63 -5.59 2.08
C GLY B 234 6.64 -6.65 1.68
N PHE B 235 6.24 -7.52 0.74
CA PHE B 235 7.02 -8.67 0.36
C PHE B 235 8.03 -8.25 -0.71
N VAL B 236 8.99 -9.13 -0.91
CA VAL B 236 9.99 -9.02 -1.96
C VAL B 236 9.68 -10.09 -3.01
N LEU B 237 9.54 -9.64 -4.26
CA LEU B 237 9.20 -10.50 -5.38
C LEU B 237 10.42 -11.30 -5.81
N SER B 238 10.27 -12.62 -5.88
CA SER B 238 11.34 -13.57 -6.20
C SER B 238 10.89 -14.60 -7.23
N ASP B 239 11.87 -15.22 -7.87
CA ASP B 239 11.71 -16.09 -9.03
C ASP B 239 12.33 -17.42 -8.67
N GLY B 240 11.85 -18.46 -9.36
CA GLY B 240 12.48 -19.76 -9.40
C GLY B 240 11.45 -20.87 -9.33
N SER B 241 11.86 -21.99 -8.71
CA SER B 241 11.14 -23.24 -8.88
C SER B 241 11.52 -24.26 -7.80
N GLY B 242 10.58 -25.12 -7.45
CA GLY B 242 10.84 -26.25 -6.59
C GLY B 242 10.07 -27.45 -7.13
N ALA B 243 10.69 -28.64 -7.10
CA ALA B 243 10.01 -29.88 -7.44
C ALA B 243 10.43 -30.98 -6.47
N LEU B 244 9.48 -31.84 -6.10
CA LEU B 244 9.74 -33.01 -5.26
CA LEU B 244 9.70 -33.01 -5.24
C LEU B 244 9.25 -34.23 -6.03
N VAL B 245 9.97 -35.35 -5.92
CA VAL B 245 9.49 -36.66 -6.32
C VAL B 245 8.81 -37.28 -5.10
N LEU B 246 7.47 -37.43 -5.20
CA LEU B 246 6.66 -38.07 -4.18
C LEU B 246 6.51 -39.51 -4.66
N GLU B 247 6.53 -40.49 -3.74
CA GLU B 247 6.49 -41.90 -4.10
C GLU B 247 5.75 -42.71 -3.02
N GLU B 248 4.95 -43.71 -3.45
CA GLU B 248 4.40 -44.67 -2.50
C GLU B 248 5.53 -45.43 -1.79
N LEU B 249 5.39 -45.64 -0.50
CA LEU B 249 6.45 -46.09 0.37
C LEU B 249 6.97 -47.47 -0.08
N GLU B 250 6.06 -48.44 -0.27
CA GLU B 250 6.42 -49.79 -0.69
C GLU B 250 7.12 -49.80 -2.04
N HIS B 251 6.66 -48.95 -2.99
CA HIS B 251 7.35 -48.70 -4.25
C HIS B 251 8.80 -48.19 -4.06
N ALA B 252 8.97 -47.22 -3.15
CA ALA B 252 10.28 -46.64 -2.83
C ALA B 252 11.21 -47.69 -2.20
N ARG B 253 10.69 -48.38 -1.17
CA ARG B 253 11.40 -49.50 -0.49
C ARG B 253 11.86 -50.56 -1.48
N ALA B 254 10.97 -51.02 -2.37
CA ALA B 254 11.22 -52.09 -3.35
C ALA B 254 12.41 -51.79 -4.26
N ARG B 255 12.55 -50.54 -4.73
CA ARG B 255 13.66 -50.18 -5.60
C ARG B 255 14.90 -49.74 -4.82
N GLY B 256 14.89 -49.72 -3.46
CA GLY B 256 16.00 -49.21 -2.65
C GLY B 256 16.22 -47.71 -2.82
N ALA B 257 15.14 -46.90 -2.86
CA ALA B 257 15.24 -45.44 -2.91
C ALA B 257 15.76 -44.91 -1.57
N ARG B 258 16.55 -43.81 -1.62
CA ARG B 258 16.84 -42.99 -0.47
CA ARG B 258 16.83 -42.99 -0.46
C ARG B 258 15.62 -42.12 -0.17
N ILE B 259 15.13 -42.18 1.08
CA ILE B 259 13.92 -41.48 1.51
C ILE B 259 14.39 -40.29 2.33
N TYR B 260 14.03 -39.06 1.92
CA TYR B 260 14.31 -37.88 2.74
C TYR B 260 13.40 -37.77 3.97
N ALA B 261 12.09 -38.06 3.83
CA ALA B 261 11.07 -37.74 4.81
C ALA B 261 9.74 -38.29 4.31
N GLU B 262 8.79 -38.33 5.23
CA GLU B 262 7.45 -38.78 4.93
C GLU B 262 6.53 -37.57 4.83
N LEU B 263 5.65 -37.53 3.80
CA LEU B 263 4.57 -36.56 3.72
CA LEU B 263 4.57 -36.56 3.73
C LEU B 263 3.36 -37.20 4.42
N VAL B 264 3.02 -36.71 5.63
CA VAL B 264 1.98 -37.33 6.47
C VAL B 264 0.67 -36.54 6.45
N GLY B 265 0.67 -35.25 6.15
CA GLY B 265 -0.56 -34.47 6.27
C GLY B 265 -0.66 -33.36 5.23
N PHE B 266 -1.89 -33.10 4.74
CA PHE B 266 -2.21 -31.95 3.94
C PHE B 266 -3.57 -31.39 4.36
N GLY B 267 -3.63 -30.09 4.65
CA GLY B 267 -4.85 -29.37 5.00
C GLY B 267 -5.03 -28.14 4.14
N MET B 268 -6.31 -27.74 4.00
CA MET B 268 -6.74 -26.59 3.23
C MET B 268 -7.87 -25.88 3.96
N SER B 269 -8.01 -24.58 3.64
CA SER B 269 -9.17 -23.81 4.07
C SER B 269 -9.26 -22.56 3.21
N GLY B 270 -10.34 -21.83 3.38
CA GLY B 270 -10.50 -20.49 2.84
C GLY B 270 -10.80 -19.56 4.01
N ASP B 271 -10.17 -18.37 3.99
CA ASP B 271 -10.53 -17.30 4.90
C ASP B 271 -11.99 -16.84 4.75
N ALA B 272 -12.45 -16.72 3.50
CA ALA B 272 -13.75 -16.13 3.17
C ALA B 272 -13.94 -14.75 3.82
N PHE B 273 -12.93 -13.89 3.65
CA PHE B 273 -12.76 -12.65 4.41
C PHE B 273 -12.50 -11.47 3.45
N HIS B 274 -11.43 -11.50 2.63
CA HIS B 274 -11.00 -10.38 1.79
C HIS B 274 -9.99 -10.85 0.74
N MET B 275 -9.93 -10.12 -0.41
CA MET B 275 -9.13 -10.49 -1.58
C MET B 275 -7.62 -10.57 -1.26
N THR B 276 -7.08 -9.57 -0.54
CA THR B 276 -5.66 -9.45 -0.21
C THR B 276 -5.41 -9.33 1.30
N ALA B 277 -6.41 -9.09 2.17
CA ALA B 277 -6.24 -8.83 3.60
C ALA B 277 -6.64 -10.09 4.39
N PRO B 278 -5.88 -10.54 5.42
CA PRO B 278 -6.24 -11.72 6.20
C PRO B 278 -7.10 -11.30 7.39
N PRO B 279 -7.90 -12.20 8.02
CA PRO B 279 -8.54 -11.88 9.31
C PRO B 279 -7.44 -11.65 10.36
N GLU B 280 -7.61 -10.65 11.25
CA GLU B 280 -6.64 -10.23 12.27
C GLU B 280 -6.20 -11.38 13.18
N ASP B 281 -7.11 -12.33 13.48
CA ASP B 281 -6.82 -13.50 14.29
C ASP B 281 -6.26 -14.69 13.48
N GLY B 282 -6.15 -14.62 12.14
CA GLY B 282 -5.65 -15.72 11.31
C GLY B 282 -6.51 -16.98 11.41
N ALA B 283 -7.83 -16.78 11.48
CA ALA B 283 -8.75 -17.88 11.77
C ALA B 283 -8.67 -18.95 10.70
N GLY B 284 -8.53 -18.54 9.42
CA GLY B 284 -8.48 -19.49 8.32
C GLY B 284 -7.18 -20.27 8.30
N ALA B 285 -6.06 -19.61 8.57
CA ALA B 285 -4.78 -20.29 8.78
C ALA B 285 -4.84 -21.31 9.93
N ALA B 286 -5.53 -20.96 11.03
CA ALA B 286 -5.69 -21.84 12.18
C ALA B 286 -6.44 -23.10 11.76
N ARG B 287 -7.57 -22.90 11.06
CA ARG B 287 -8.37 -24.04 10.57
C ARG B 287 -7.54 -24.94 9.65
N CYS B 288 -6.72 -24.32 8.79
CA CYS B 288 -5.91 -25.04 7.83
C CYS B 288 -4.85 -25.89 8.52
N MET B 289 -4.12 -25.31 9.48
CA MET B 289 -3.11 -26.08 10.23
C MET B 289 -3.77 -27.25 10.97
N LYS B 290 -4.92 -27.01 11.61
CA LYS B 290 -5.67 -28.07 12.29
C LYS B 290 -6.10 -29.18 11.32
N ASN B 291 -6.59 -28.78 10.13
CA ASN B 291 -6.93 -29.77 9.11
C ASN B 291 -5.73 -30.62 8.71
N ALA B 292 -4.55 -30.02 8.56
CA ALA B 292 -3.35 -30.78 8.20
C ALA B 292 -2.92 -31.74 9.32
N LEU B 293 -2.93 -31.25 10.56
CA LEU B 293 -2.61 -32.06 11.72
C LEU B 293 -3.59 -33.21 11.88
N ARG B 294 -4.88 -32.95 11.68
CA ARG B 294 -5.87 -34.02 11.71
C ARG B 294 -5.61 -35.06 10.62
N ASP B 295 -5.32 -34.61 9.37
CA ASP B 295 -4.96 -35.49 8.27
C ASP B 295 -3.77 -36.40 8.62
N ALA B 296 -2.77 -35.86 9.35
CA ALA B 296 -1.59 -36.60 9.76
C ALA B 296 -1.81 -37.44 11.03
N GLY B 297 -2.97 -37.32 11.70
CA GLY B 297 -3.21 -37.96 12.99
C GLY B 297 -2.23 -37.53 14.08
N LEU B 298 -1.90 -36.21 14.09
CA LEU B 298 -0.94 -35.63 15.02
C LEU B 298 -1.64 -34.63 15.93
N ASP B 299 -1.19 -34.62 17.20
CA ASP B 299 -1.54 -33.55 18.12
C ASP B 299 -0.63 -32.33 17.84
N PRO B 300 -1.10 -31.07 18.06
CA PRO B 300 -0.24 -29.86 17.91
C PRO B 300 1.09 -29.93 18.66
N ARG B 301 1.10 -30.58 19.85
CA ARG B 301 2.32 -30.77 20.63
C ARG B 301 3.40 -31.60 19.95
N GLN B 302 3.07 -32.40 18.92
CA GLN B 302 4.06 -33.17 18.18
C GLN B 302 4.79 -32.34 17.14
N VAL B 303 4.41 -31.06 16.93
CA VAL B 303 5.11 -30.23 15.96
C VAL B 303 6.32 -29.58 16.60
N ASP B 304 7.46 -29.70 15.92
CA ASP B 304 8.73 -29.08 16.32
C ASP B 304 9.11 -27.84 15.52
N TYR B 305 8.82 -27.83 14.19
CA TYR B 305 9.27 -26.78 13.27
C TYR B 305 8.10 -26.34 12.38
N ILE B 306 7.90 -25.02 12.23
CA ILE B 306 7.00 -24.46 11.21
C ILE B 306 7.84 -23.63 10.24
N ASN B 307 7.78 -23.96 8.93
CA ASN B 307 8.20 -23.02 7.88
C ASN B 307 7.00 -22.15 7.55
N ALA B 308 7.04 -20.89 8.03
CA ALA B 308 5.93 -19.97 7.98
C ALA B 308 5.68 -19.49 6.55
N HIS B 309 4.46 -19.01 6.31
CA HIS B 309 4.18 -18.21 5.13
C HIS B 309 5.03 -16.93 5.19
N GLY B 310 4.86 -16.13 6.28
CA GLY B 310 5.79 -15.08 6.72
C GLY B 310 6.36 -14.23 5.59
N THR B 311 5.50 -13.51 4.85
CA THR B 311 5.91 -12.78 3.64
C THR B 311 6.46 -11.38 3.88
N SER B 312 6.47 -10.87 5.12
CA SER B 312 6.99 -9.55 5.48
C SER B 312 5.93 -8.47 5.19
N THR B 313 4.62 -8.79 5.40
CA THR B 313 3.53 -7.82 5.26
C THR B 313 3.09 -7.36 6.66
N PRO B 314 2.59 -6.11 6.84
CA PRO B 314 2.02 -5.69 8.13
C PRO B 314 0.93 -6.61 8.69
N ALA B 315 -0.12 -6.86 7.89
CA ALA B 315 -1.26 -7.64 8.35
C ALA B 315 -0.97 -9.14 8.40
N GLY B 316 -0.28 -9.69 7.39
CA GLY B 316 -0.13 -11.13 7.22
C GLY B 316 0.70 -11.78 8.31
N ASP B 317 1.87 -11.17 8.60
CA ASP B 317 2.80 -11.77 9.55
C ASP B 317 2.16 -11.93 10.93
N ILE B 318 1.45 -10.89 11.43
CA ILE B 318 0.89 -10.92 12.79
C ILE B 318 -0.31 -11.88 12.83
N ALA B 319 -1.14 -11.95 11.78
CA ALA B 319 -2.21 -12.94 11.66
C ALA B 319 -1.68 -14.37 11.77
N GLU B 320 -0.54 -14.69 11.15
CA GLU B 320 0.06 -16.01 11.24
C GLU B 320 0.51 -16.35 12.67
N ILE B 321 1.11 -15.38 13.41
CA ILE B 321 1.44 -15.57 14.83
C ILE B 321 0.16 -15.90 15.60
N ALA B 322 -0.91 -15.09 15.43
CA ALA B 322 -2.18 -15.32 16.08
C ALA B 322 -2.72 -16.73 15.80
N ALA B 323 -2.66 -17.20 14.55
CA ALA B 323 -3.10 -18.55 14.18
C ALA B 323 -2.27 -19.64 14.88
N VAL B 324 -0.93 -19.48 14.89
CA VAL B 324 -0.04 -20.42 15.56
C VAL B 324 -0.35 -20.48 17.07
N LYS B 325 -0.55 -19.32 17.71
CA LYS B 325 -0.89 -19.26 19.12
C LYS B 325 -2.24 -19.94 19.42
N SER B 326 -3.24 -19.76 18.55
CA SER B 326 -4.54 -20.45 18.67
C SER B 326 -4.39 -21.96 18.57
N VAL B 327 -3.69 -22.44 17.52
CA VAL B 327 -3.54 -23.86 17.27
C VAL B 327 -2.73 -24.54 18.37
N PHE B 328 -1.57 -23.96 18.70
CA PHE B 328 -0.54 -24.65 19.48
C PHE B 328 -0.60 -24.35 20.97
N GLY B 329 -1.35 -23.31 21.41
CA GLY B 329 -1.43 -22.91 22.80
C GLY B 329 -0.03 -22.71 23.41
N GLU B 330 0.20 -23.30 24.59
CA GLU B 330 1.48 -23.18 25.28
C GLU B 330 2.65 -23.78 24.50
N HIS B 331 2.37 -24.81 23.69
CA HIS B 331 3.37 -25.43 22.82
C HIS B 331 3.85 -24.47 21.71
N ALA B 332 3.12 -23.39 21.40
CA ALA B 332 3.59 -22.35 20.51
C ALA B 332 4.94 -21.75 20.95
N HIS B 333 5.26 -21.76 22.26
CA HIS B 333 6.53 -21.30 22.81
C HIS B 333 7.61 -22.40 22.90
N ALA B 334 7.31 -23.65 22.54
CA ALA B 334 8.27 -24.76 22.49
C ALA B 334 8.75 -25.04 21.06
N LEU B 335 7.84 -24.94 20.06
CA LEU B 335 8.20 -25.13 18.66
C LEU B 335 9.10 -23.95 18.22
N SER B 336 9.81 -24.15 17.11
CA SER B 336 10.51 -23.10 16.38
C SER B 336 9.73 -22.81 15.10
N MET B 337 9.55 -21.53 14.75
CA MET B 337 8.93 -21.14 13.49
C MET B 337 9.89 -20.17 12.78
N SER B 338 10.13 -20.33 11.49
CA SER B 338 10.87 -19.31 10.74
C SER B 338 10.32 -19.09 9.35
N SER B 339 10.59 -17.89 8.82
CA SER B 339 10.33 -17.55 7.44
C SER B 339 11.67 -17.49 6.70
N THR B 340 11.89 -18.45 5.81
CA THR B 340 12.97 -18.47 4.84
C THR B 340 12.78 -17.44 3.73
N LYS B 341 11.61 -16.79 3.64
CA LYS B 341 11.42 -15.65 2.75
C LYS B 341 12.22 -14.43 3.20
N SER B 342 12.60 -14.35 4.51
CA SER B 342 13.63 -13.45 4.98
C SER B 342 14.88 -13.43 4.08
N MET B 343 15.26 -14.60 3.52
CA MET B 343 16.41 -14.80 2.66
C MET B 343 16.04 -14.90 1.17
N THR B 344 14.99 -15.69 0.81
CA THR B 344 14.67 -15.97 -0.58
C THR B 344 13.76 -14.92 -1.22
N GLY B 345 13.05 -14.10 -0.42
CA GLY B 345 11.84 -13.41 -0.76
C GLY B 345 10.72 -14.38 -1.10
N HIS B 346 9.71 -13.82 -1.80
CA HIS B 346 8.45 -14.50 -1.98
C HIS B 346 8.46 -15.00 -3.42
N LEU B 347 8.62 -16.32 -3.60
CA LEU B 347 8.61 -16.99 -4.89
C LEU B 347 7.19 -17.28 -5.42
N LEU B 348 6.15 -16.71 -4.79
CA LEU B 348 4.76 -16.80 -5.24
C LEU B 348 4.38 -18.26 -5.49
N GLY B 349 4.13 -18.69 -6.73
CA GLY B 349 3.70 -20.06 -7.00
C GLY B 349 4.77 -21.12 -6.76
N ALA B 350 6.05 -20.74 -6.69
CA ALA B 350 7.14 -21.62 -6.28
C ALA B 350 7.37 -21.62 -4.77
N ALA B 351 6.85 -20.67 -3.98
CA ALA B 351 7.19 -20.51 -2.56
C ALA B 351 6.89 -21.79 -1.77
N GLY B 352 5.70 -22.36 -1.98
CA GLY B 352 5.34 -23.60 -1.26
C GLY B 352 6.22 -24.79 -1.59
N ALA B 353 6.75 -24.83 -2.83
CA ALA B 353 7.59 -25.91 -3.29
C ALA B 353 8.97 -25.79 -2.65
N VAL B 354 9.57 -24.59 -2.74
CA VAL B 354 10.90 -24.44 -2.15
C VAL B 354 10.83 -24.60 -0.63
N GLU B 355 9.76 -24.10 -0.03
CA GLU B 355 9.60 -24.17 1.41
C GLU B 355 9.32 -25.59 1.90
N ALA B 356 8.66 -26.43 1.08
CA ALA B 356 8.55 -27.86 1.36
C ALA B 356 9.92 -28.52 1.37
N ILE B 357 10.78 -28.21 0.39
CA ILE B 357 12.14 -28.72 0.33
C ILE B 357 12.89 -28.31 1.60
N PHE B 358 12.80 -27.02 1.97
CA PHE B 358 13.49 -26.55 3.18
C PHE B 358 12.97 -27.21 4.48
N SER B 359 11.67 -27.54 4.53
CA SER B 359 11.08 -28.28 5.62
C SER B 359 11.65 -29.72 5.71
N VAL B 360 11.80 -30.39 4.57
CA VAL B 360 12.33 -31.74 4.50
C VAL B 360 13.80 -31.70 4.93
N LEU B 361 14.52 -30.67 4.49
CA LEU B 361 15.94 -30.57 4.87
C LEU B 361 16.14 -30.21 6.34
N ALA B 362 15.25 -29.42 6.95
CA ALA B 362 15.24 -29.18 8.39
C ALA B 362 15.13 -30.51 9.16
N LEU B 363 14.27 -31.42 8.66
CA LEU B 363 14.17 -32.79 9.17
C LEU B 363 15.44 -33.59 8.93
N ARG B 364 16.02 -33.52 7.72
CA ARG B 364 17.24 -34.27 7.40
C ARG B 364 18.37 -33.83 8.34
N ASP B 365 18.53 -32.52 8.52
CA ASP B 365 19.71 -31.94 9.16
C ASP B 365 19.50 -31.57 10.63
N GLN B 366 18.29 -31.69 11.19
CA GLN B 366 17.98 -31.34 12.57
C GLN B 366 18.39 -29.89 12.86
N VAL B 367 17.90 -28.97 12.02
CA VAL B 367 18.25 -27.56 12.10
C VAL B 367 17.06 -26.72 11.64
N ALA B 368 16.67 -25.73 12.45
CA ALA B 368 15.66 -24.74 12.10
C ALA B 368 16.35 -23.62 11.33
N PRO B 369 16.01 -23.36 10.04
CA PRO B 369 16.56 -22.22 9.30
C PRO B 369 16.25 -20.91 10.00
N PRO B 370 17.11 -19.85 9.89
CA PRO B 370 16.78 -18.56 10.50
C PRO B 370 15.67 -17.76 9.83
N THR B 371 15.07 -16.85 10.60
CA THR B 371 14.44 -15.66 10.05
C THR B 371 15.47 -14.55 10.17
N ILE B 372 16.14 -14.19 9.05
CA ILE B 372 17.06 -13.06 9.04
C ILE B 372 16.25 -11.76 9.08
N ASN B 373 16.96 -10.67 9.45
CA ASN B 373 16.43 -9.31 9.50
C ASN B 373 15.45 -9.09 10.65
N LEU B 374 15.30 -10.04 11.59
CA LEU B 374 14.33 -9.92 12.68
C LEU B 374 14.99 -9.13 13.83
N ASP B 375 15.20 -7.83 13.57
CA ASP B 375 15.90 -6.90 14.45
C ASP B 375 15.06 -6.55 15.67
N ASN B 376 13.81 -6.15 15.44
CA ASN B 376 12.88 -5.66 16.43
C ASN B 376 11.54 -6.38 16.19
N PRO B 377 11.33 -7.58 16.79
CA PRO B 377 10.04 -8.27 16.75
C PRO B 377 8.88 -7.37 17.15
N ASP B 378 7.81 -7.35 16.34
CA ASP B 378 6.67 -6.47 16.58
C ASP B 378 5.85 -7.00 17.78
N GLU B 379 4.89 -6.19 18.23
CA GLU B 379 3.94 -6.48 19.31
C GLU B 379 3.35 -7.89 19.12
N GLY B 380 3.49 -8.77 20.13
CA GLY B 380 2.93 -10.12 20.07
C GLY B 380 3.79 -11.16 19.35
N CYS B 381 4.91 -10.77 18.71
CA CYS B 381 5.78 -11.64 17.91
C CYS B 381 6.88 -12.17 18.81
N ASP B 382 6.46 -12.94 19.84
CA ASP B 382 7.30 -13.32 20.96
C ASP B 382 7.56 -14.82 20.99
N LEU B 383 7.34 -15.52 19.85
CA LEU B 383 7.65 -16.94 19.74
C LEU B 383 9.14 -17.10 19.46
N ASP B 384 9.60 -18.35 19.43
CA ASP B 384 10.90 -18.66 18.88
C ASP B 384 10.79 -18.58 17.35
N LEU B 385 11.14 -17.40 16.81
CA LEU B 385 11.15 -17.12 15.38
C LEU B 385 12.52 -17.33 14.74
N VAL B 386 13.48 -17.94 15.49
CA VAL B 386 14.78 -18.33 14.99
C VAL B 386 15.49 -17.10 14.41
N ALA B 387 15.39 -15.95 15.10
CA ALA B 387 15.95 -14.68 14.65
C ALA B 387 17.43 -14.86 14.31
N HIS B 388 17.84 -14.42 13.11
CA HIS B 388 19.24 -14.14 12.76
C HIS B 388 20.03 -15.38 12.38
N GLU B 389 20.03 -16.47 13.17
CA GLU B 389 20.96 -17.59 12.97
C GLU B 389 20.22 -18.91 13.06
N ALA B 390 20.65 -19.87 12.24
CA ALA B 390 20.14 -21.23 12.22
C ALA B 390 20.30 -21.86 13.59
N LYS B 391 19.33 -22.69 13.97
CA LYS B 391 19.32 -23.32 15.28
C LYS B 391 19.22 -24.84 15.11
N PRO B 392 20.34 -25.55 15.36
CA PRO B 392 20.30 -27.00 15.59
C PRO B 392 19.32 -27.35 16.72
N ARG B 393 18.38 -28.27 16.44
CA ARG B 393 17.43 -28.73 17.44
C ARG B 393 16.78 -30.02 16.95
N LYS B 394 16.04 -30.65 17.86
CA LYS B 394 15.28 -31.85 17.57
C LYS B 394 14.06 -31.46 16.72
N ILE B 395 13.91 -32.11 15.56
CA ILE B 395 12.77 -31.86 14.66
C ILE B 395 12.30 -33.23 14.16
N ASP B 396 11.16 -33.71 14.69
CA ASP B 396 10.52 -34.92 14.21
C ASP B 396 9.45 -34.60 13.14
N VAL B 397 8.73 -33.48 13.35
CA VAL B 397 7.59 -33.05 12.56
C VAL B 397 7.83 -31.58 12.16
N ALA B 398 7.68 -31.32 10.85
CA ALA B 398 7.82 -30.01 10.25
C ALA B 398 6.54 -29.67 9.49
N LEU B 399 5.96 -28.49 9.73
CA LEU B 399 4.81 -27.96 8.99
C LEU B 399 5.33 -26.92 7.99
N SER B 400 4.67 -26.78 6.83
CA SER B 400 4.91 -25.70 5.88
C SER B 400 3.58 -25.02 5.55
N ASN B 401 3.46 -23.68 5.77
CA ASN B 401 2.22 -22.93 5.52
C ASN B 401 2.33 -21.99 4.33
N SER B 402 1.21 -21.87 3.60
CA SER B 402 1.07 -20.99 2.46
C SER B 402 -0.34 -20.42 2.47
N PHE B 403 -0.45 -19.08 2.51
CA PHE B 403 -1.71 -18.35 2.53
C PHE B 403 -1.69 -17.37 1.37
N GLY B 404 -2.57 -17.56 0.38
CA GLY B 404 -2.51 -16.87 -0.90
C GLY B 404 -3.62 -15.83 -1.05
N PHE B 405 -3.45 -14.95 -2.05
CA PHE B 405 -4.50 -14.01 -2.46
C PHE B 405 -5.80 -14.77 -2.68
N GLY B 406 -6.91 -14.16 -2.24
CA GLY B 406 -8.21 -14.80 -2.22
C GLY B 406 -8.49 -15.47 -0.87
N GLY B 407 -7.49 -15.52 0.05
CA GLY B 407 -7.62 -16.19 1.33
C GLY B 407 -7.58 -17.71 1.21
N THR B 408 -6.76 -18.23 0.28
CA THR B 408 -6.67 -19.66 0.04
C THR B 408 -5.45 -20.17 0.80
N ASN B 409 -5.68 -21.16 1.68
CA ASN B 409 -4.73 -21.62 2.65
C ASN B 409 -4.42 -23.07 2.41
N GLY B 410 -3.15 -23.44 2.61
CA GLY B 410 -2.65 -24.78 2.47
C GLY B 410 -1.53 -25.03 3.48
N THR B 411 -1.53 -26.21 4.11
CA THR B 411 -0.50 -26.60 5.06
C THR B 411 -0.05 -28.00 4.69
N LEU B 412 1.28 -28.25 4.67
CA LEU B 412 1.82 -29.61 4.57
C LEU B 412 2.50 -29.98 5.88
N VAL B 413 2.44 -31.26 6.21
CA VAL B 413 3.09 -31.80 7.42
C VAL B 413 4.01 -32.91 6.94
N PHE B 414 5.31 -32.74 7.22
CA PHE B 414 6.31 -33.75 6.99
C PHE B 414 6.81 -34.33 8.33
N ARG B 415 7.24 -35.60 8.29
CA ARG B 415 7.75 -36.30 9.47
C ARG B 415 9.06 -37.00 9.12
N ARG B 416 10.00 -37.08 10.08
CA ARG B 416 11.19 -37.90 9.85
C ARG B 416 10.76 -39.34 9.60
N PHE B 417 11.39 -40.01 8.62
CA PHE B 417 10.94 -41.33 8.19
C PHE B 417 11.58 -42.43 9.04
N ALA B 418 10.75 -43.21 9.75
CA ALA B 418 11.01 -44.58 10.19
C ALA B 418 9.95 -45.50 9.57
#